data_4YZC
#
_entry.id   4YZC
#
_cell.length_a   49.337
_cell.length_b   155.260
_cell.length_c   155.643
_cell.angle_alpha   90.00
_cell.angle_beta   90.00
_cell.angle_gamma   90.00
#
_symmetry.space_group_name_H-M   'P 21 21 21'
#
loop_
_entity.id
_entity.type
_entity.pdbx_description
1 polymer 'Serine/threonine-protein kinase/endoribonuclease IRE1'
2 non-polymer STAUROSPORINE
3 water water
#
_entity_poly.entity_id   1
_entity_poly.type   'polypeptide(L)'
_entity_poly.pdbx_seq_one_letter_code
;SVVIVGKISFCPKDVLGHGAEGTIVYRGMFDNRDVAVKRILPECFSFADREVQLLRESDEHPNVIRYFCTEKDRQFQYIA
IELCAATLQEYVEQKDFAHLGLEPITLLQQTTSGLAHLHSLNIVHRDLKPHNILISMPNAHGKIKAMISDFGLCKKLAVG
RH(SEP)F(SEP)RR(SEP)GVPGTEGWIAPEMLSEDCKENPTYTVDIFSAGCVFYYVISEGSHPFGKSLQRQANILLGA
CSLDCLHPEKHEDVIARELIEKMIAMDPQKRPSAKHVLKHPFFWSLEKQLQFFQDVSDRIEKESLDGPIVKQLERGGRAV
VKMDWRENITVPLQTDLRKFRTYKGGSVRDLLRAMRNKKHHYRELPAEVRETLGSLPDDFVCYFTSRFPHLLAHTYRAME
LCSHERLFQPYYFHEPP
;
_entity_poly.pdbx_strand_id   A,B
#
# COMPACT_ATOMS: atom_id res chain seq x y z
N SER A 1 8.08 19.85 39.72
CA SER A 1 6.95 20.72 39.41
C SER A 1 6.03 20.07 38.39
N VAL A 2 4.74 20.42 38.43
CA VAL A 2 3.76 19.88 37.49
C VAL A 2 2.78 21.00 37.14
N VAL A 3 2.46 21.10 35.85
CA VAL A 3 1.45 22.02 35.35
C VAL A 3 0.32 21.18 34.77
N ILE A 4 -0.91 21.49 35.15
CA ILE A 4 -2.10 20.81 34.65
C ILE A 4 -3.00 21.87 34.04
N VAL A 5 -3.21 21.78 32.72
CA VAL A 5 -4.17 22.62 32.01
C VAL A 5 -5.19 21.67 31.40
N GLY A 6 -6.41 21.72 31.92
CA GLY A 6 -7.44 20.81 31.43
C GLY A 6 -7.01 19.38 31.53
N LYS A 7 -7.10 18.66 30.40
CA LYS A 7 -6.70 17.26 30.35
C LYS A 7 -5.20 17.07 30.14
N ILE A 8 -4.46 18.15 29.91
CA ILE A 8 -3.04 18.06 29.57
C ILE A 8 -2.22 18.22 30.84
N SER A 9 -1.34 17.25 31.08
CA SER A 9 -0.44 17.23 32.22
C SER A 9 0.98 17.19 31.71
N PHE A 10 1.82 18.11 32.17
CA PHE A 10 3.22 18.06 31.81
C PHE A 10 4.05 18.68 32.93
N CYS A 11 5.26 18.14 33.08
CA CYS A 11 6.23 18.68 34.03
CA CYS A 11 6.23 18.68 34.03
C CYS A 11 7.13 19.67 33.31
N PRO A 12 7.19 20.94 33.71
CA PRO A 12 7.97 21.92 32.95
C PRO A 12 9.45 21.59 32.85
N LYS A 13 9.96 20.70 33.70
CA LYS A 13 11.37 20.31 33.63
C LYS A 13 11.66 19.46 32.40
N ASP A 14 10.65 18.79 31.84
CA ASP A 14 10.85 17.93 30.67
C ASP A 14 10.60 18.76 29.43
N VAL A 15 11.65 19.03 28.67
CA VAL A 15 11.59 19.84 27.47
C VAL A 15 12.17 19.02 26.33
N LEU A 16 11.37 18.79 25.30
CA LEU A 16 11.87 18.13 24.11
C LEU A 16 12.67 19.09 23.24
N GLY A 17 12.30 20.36 23.23
CA GLY A 17 13.03 21.35 22.47
C GLY A 17 12.33 22.69 22.53
N HIS A 18 13.01 23.69 21.98
CA HIS A 18 12.49 25.05 21.88
C HIS A 18 12.22 25.40 20.43
N GLY A 19 11.04 25.97 20.18
CA GLY A 19 10.68 26.47 18.87
C GLY A 19 11.07 27.92 18.70
N ALA A 20 10.30 28.62 17.88
CA ALA A 20 10.48 30.05 17.63
C ALA A 20 9.32 30.83 18.23
N GLU A 21 9.61 32.08 18.59
CA GLU A 21 8.61 32.99 19.15
C GLU A 21 8.09 32.51 20.50
N GLY A 22 8.99 31.95 21.31
CA GLY A 22 8.63 31.47 22.63
C GLY A 22 7.95 30.12 22.64
N THR A 23 7.89 29.43 21.51
CA THR A 23 7.30 28.10 21.48
C THR A 23 8.20 27.10 22.19
N ILE A 24 7.64 26.36 23.14
CA ILE A 24 8.33 25.27 23.81
C ILE A 24 7.46 24.02 23.70
N VAL A 25 8.10 22.87 23.54
CA VAL A 25 7.43 21.58 23.50
C VAL A 25 7.94 20.75 24.68
N TYR A 26 7.00 20.13 25.39
CA TYR A 26 7.30 19.33 26.57
C TYR A 26 6.85 17.89 26.34
N ARG A 27 7.44 16.99 27.11
CA ARG A 27 6.88 15.66 27.28
C ARG A 27 5.81 15.70 28.37
N GLY A 28 4.65 15.12 28.10
CA GLY A 28 3.54 15.26 29.00
C GLY A 28 2.53 14.14 28.84
N MET A 29 1.41 14.30 29.53
CA MET A 29 0.34 13.32 29.55
C MET A 29 -0.95 13.94 29.03
N PHE A 30 -1.67 13.20 28.20
CA PHE A 30 -3.04 13.52 27.87
C PHE A 30 -3.85 12.22 27.82
N ASP A 31 -4.93 12.19 28.59
CA ASP A 31 -5.83 11.03 28.65
C ASP A 31 -5.03 9.75 28.93
N ASN A 32 -4.16 9.82 29.93
CA ASN A 32 -3.38 8.67 30.38
C ASN A 32 -2.51 8.10 29.26
N ARG A 33 -2.03 8.95 28.36
CA ARG A 33 -1.13 8.55 27.30
C ARG A 33 0.07 9.49 27.26
N ASP A 34 1.26 8.94 27.03
CA ASP A 34 2.43 9.76 26.79
C ASP A 34 2.23 10.57 25.52
N VAL A 35 2.46 11.89 25.62
CA VAL A 35 2.28 12.79 24.50
C VAL A 35 3.33 13.89 24.56
N ALA A 36 3.50 14.59 23.44
CA ALA A 36 4.22 15.85 23.41
C ALA A 36 3.23 16.99 23.55
N VAL A 37 3.62 18.03 24.27
CA VAL A 37 2.77 19.17 24.57
C VAL A 37 3.45 20.40 24.00
N LYS A 38 2.82 21.03 23.00
CA LYS A 38 3.36 22.20 22.33
C LYS A 38 2.66 23.44 22.89
N ARG A 39 3.42 24.26 23.63
CA ARG A 39 2.91 25.50 24.19
C ARG A 39 3.26 26.64 23.24
N ILE A 40 2.25 27.25 22.62
CA ILE A 40 2.47 28.33 21.68
C ILE A 40 1.87 29.62 22.24
N LEU A 41 2.03 30.71 21.51
CA LEU A 41 1.38 31.98 21.82
C LEU A 41 0.42 32.32 20.68
N PRO A 42 -0.91 32.28 20.90
CA PRO A 42 -1.85 32.45 19.79
C PRO A 42 -1.76 33.83 19.14
N ASP A 49 -3.41 28.98 15.47
CA ASP A 49 -4.71 28.57 14.94
C ASP A 49 -4.56 28.02 13.53
N ARG A 50 -3.87 28.79 12.67
CA ARG A 50 -3.59 28.32 11.32
C ARG A 50 -2.84 26.99 11.35
N GLU A 51 -1.72 26.94 12.09
CA GLU A 51 -0.88 25.75 12.08
C GLU A 51 -1.55 24.56 12.74
N VAL A 52 -2.49 24.81 13.64
CA VAL A 52 -3.19 23.71 14.30
C VAL A 52 -4.18 23.06 13.33
N GLN A 53 -5.03 23.87 12.69
CA GLN A 53 -6.03 23.32 11.78
C GLN A 53 -5.39 22.63 10.59
N LEU A 54 -4.27 23.16 10.09
CA LEU A 54 -3.53 22.47 9.04
C LEU A 54 -3.02 21.12 9.55
N LEU A 55 -2.50 21.09 10.77
CA LEU A 55 -2.06 19.82 11.35
C LEU A 55 -3.24 18.87 11.52
N ARG A 56 -4.32 19.34 12.14
CA ARG A 56 -5.51 18.51 12.35
C ARG A 56 -6.01 17.95 11.02
N GLU A 57 -5.91 18.73 9.95
CA GLU A 57 -6.47 18.31 8.68
C GLU A 57 -5.65 17.19 8.05
N SER A 58 -4.33 17.25 8.16
CA SER A 58 -3.44 16.31 7.50
C SER A 58 -2.97 15.15 8.39
N ASP A 59 -3.40 15.07 9.65
CA ASP A 59 -2.80 14.12 10.58
C ASP A 59 -3.23 12.68 10.33
N GLU A 60 -4.22 12.44 9.48
CA GLU A 60 -4.69 11.08 9.24
C GLU A 60 -3.67 10.20 8.51
N HIS A 61 -2.62 10.79 7.95
CA HIS A 61 -1.60 10.02 7.23
C HIS A 61 -0.63 9.37 8.22
N PRO A 62 -0.16 8.14 7.94
CA PRO A 62 0.75 7.49 8.90
C PRO A 62 2.01 8.27 9.17
N ASN A 63 2.50 9.01 8.19
CA ASN A 63 3.77 9.74 8.25
C ASN A 63 3.59 11.20 8.66
N VAL A 64 2.39 11.62 9.02
CA VAL A 64 2.14 12.94 9.61
C VAL A 64 1.86 12.76 11.09
N ILE A 65 2.37 13.69 11.90
CA ILE A 65 2.23 13.58 13.35
C ILE A 65 0.75 13.60 13.73
N ARG A 66 0.38 12.76 14.67
CA ARG A 66 -1.01 12.65 15.10
C ARG A 66 -1.35 13.72 16.13
N TYR A 67 -2.52 14.32 15.97
CA TYR A 67 -3.00 15.39 16.86
C TYR A 67 -4.08 14.84 17.79
N PHE A 68 -4.02 15.25 19.05
CA PHE A 68 -4.93 14.76 20.08
C PHE A 68 -5.88 15.84 20.56
N CYS A 69 -5.37 16.89 21.22
CA CYS A 69 -6.25 17.87 21.86
C CYS A 69 -5.54 19.21 21.92
N THR A 70 -6.34 20.27 22.00
CA THR A 70 -5.87 21.61 22.32
C THR A 70 -6.51 22.07 23.63
N GLU A 71 -5.69 22.68 24.48
CA GLU A 71 -6.15 23.29 25.72
C GLU A 71 -5.62 24.71 25.77
N LYS A 72 -6.27 25.55 26.56
CA LYS A 72 -5.89 26.95 26.65
C LYS A 72 -6.06 27.45 28.07
N ASP A 73 -5.11 28.29 28.48
CA ASP A 73 -5.21 29.11 29.68
C ASP A 73 -4.98 30.55 29.25
N ARG A 74 -4.86 31.46 30.23
CA ARG A 74 -4.80 32.88 29.95
C ARG A 74 -3.82 33.18 28.81
N GLN A 75 -2.53 32.94 29.03
CA GLN A 75 -1.53 33.35 28.05
C GLN A 75 -1.41 32.37 26.87
N PHE A 76 -1.44 31.07 27.13
CA PHE A 76 -0.96 30.08 26.16
C PHE A 76 -2.07 29.16 25.67
N GLN A 77 -1.84 28.60 24.49
CA GLN A 77 -2.55 27.44 23.98
C GLN A 77 -1.62 26.23 24.06
N TYR A 78 -2.18 25.09 24.48
CA TYR A 78 -1.43 23.86 24.67
C TYR A 78 -1.96 22.81 23.69
N ILE A 79 -1.07 22.27 22.86
CA ILE A 79 -1.44 21.36 21.78
C ILE A 79 -0.84 20.01 22.09
N ALA A 80 -1.70 19.02 22.38
CA ALA A 80 -1.26 17.66 22.65
C ALA A 80 -1.10 16.93 21.32
N ILE A 81 0.08 16.38 21.09
CA ILE A 81 0.43 15.72 19.84
C ILE A 81 1.25 14.46 20.15
N GLU A 82 1.40 13.61 19.14
CA GLU A 82 2.06 12.33 19.33
C GLU A 82 3.51 12.53 19.78
N LEU A 83 3.89 11.80 20.83
CA LEU A 83 5.27 11.80 21.30
C LEU A 83 6.10 10.86 20.44
N CYS A 84 7.29 11.32 20.05
CA CYS A 84 8.20 10.51 19.24
C CYS A 84 9.49 10.24 20.01
N ALA A 85 10.35 9.43 19.40
CA ALA A 85 11.60 9.04 20.05
C ALA A 85 12.68 10.11 19.87
N ALA A 86 12.80 10.66 18.68
CA ALA A 86 13.94 11.49 18.31
C ALA A 86 13.62 12.24 17.02
N THR A 87 14.62 12.93 16.48
CA THR A 87 14.53 13.63 15.20
C THR A 87 15.44 12.96 14.19
N LEU A 88 15.12 13.13 12.91
CA LEU A 88 15.95 12.54 11.86
C LEU A 88 17.40 13.01 11.98
N GLN A 89 17.61 14.25 12.42
CA GLN A 89 18.97 14.78 12.54
C GLN A 89 19.80 13.92 13.49
N GLU A 90 19.31 13.72 14.71
CA GLU A 90 20.04 12.90 15.68
C GLU A 90 20.01 11.41 15.33
N TYR A 91 19.13 10.98 14.42
CA TYR A 91 19.17 9.59 13.96
C TYR A 91 20.38 9.32 13.08
N VAL A 92 20.87 10.34 12.37
CA VAL A 92 22.02 10.17 11.48
C VAL A 92 23.25 9.70 12.23
N GLU A 93 23.23 9.78 13.56
CA GLU A 93 24.29 9.23 14.40
C GLU A 93 23.90 7.82 14.83
N GLN A 94 24.70 6.84 14.41
CA GLN A 94 24.41 5.43 14.69
C GLN A 94 24.82 5.05 16.11
N GLU A 103 15.14 1.65 8.07
CA GLU A 103 16.21 1.84 7.10
C GLU A 103 16.15 3.23 6.49
N PRO A 104 17.31 3.77 6.11
CA PRO A 104 17.35 5.18 5.65
C PRO A 104 16.45 5.46 4.45
N ILE A 105 16.44 4.59 3.44
CA ILE A 105 15.63 4.87 2.26
C ILE A 105 14.15 4.81 2.60
N THR A 106 13.76 3.89 3.48
CA THR A 106 12.36 3.81 3.89
C THR A 106 11.94 5.07 4.64
N LEU A 107 12.83 5.62 5.47
CA LEU A 107 12.54 6.87 6.15
C LEU A 107 12.31 8.00 5.16
N LEU A 108 13.17 8.08 4.13
CA LEU A 108 12.99 9.10 3.10
C LEU A 108 11.69 8.89 2.34
N GLN A 109 11.38 7.64 2.00
CA GLN A 109 10.11 7.34 1.33
C GLN A 109 8.93 7.74 2.21
N GLN A 110 9.02 7.46 3.51
CA GLN A 110 7.94 7.83 4.42
C GLN A 110 7.81 9.34 4.55
N THR A 111 8.94 10.04 4.64
CA THR A 111 8.90 11.50 4.67
C THR A 111 8.27 12.06 3.41
N THR A 112 8.59 11.45 2.25
CA THR A 112 8.06 11.95 1.00
C THR A 112 6.57 11.67 0.86
N SER A 113 6.14 10.49 1.30
CA SER A 113 4.72 10.15 1.25
C SER A 113 3.92 11.10 2.13
N GLY A 114 4.43 11.42 3.32
CA GLY A 114 3.78 12.42 4.16
C GLY A 114 3.79 13.79 3.51
N LEU A 115 4.90 14.14 2.85
CA LEU A 115 4.96 15.42 2.15
C LEU A 115 3.96 15.44 1.00
N ALA A 116 3.86 14.33 0.26
CA ALA A 116 2.89 14.25 -0.83
C ALA A 116 1.47 14.36 -0.32
N HIS A 117 1.20 13.84 0.88
CA HIS A 117 -0.13 13.99 1.46
C HIS A 117 -0.43 15.46 1.74
N LEU A 118 0.54 16.20 2.27
CA LEU A 118 0.35 17.62 2.50
C LEU A 118 0.09 18.36 1.19
N HIS A 119 0.91 18.09 0.17
CA HIS A 119 0.75 18.76 -1.11
C HIS A 119 -0.61 18.47 -1.73
N SER A 120 -1.15 17.26 -1.53
CA SER A 120 -2.46 16.93 -2.08
C SER A 120 -3.58 17.70 -1.39
N LEU A 121 -3.33 18.23 -0.20
CA LEU A 121 -4.27 19.09 0.52
C LEU A 121 -4.03 20.57 0.23
N ASN A 122 -3.13 20.89 -0.70
CA ASN A 122 -2.73 22.26 -1.01
C ASN A 122 -2.00 22.92 0.14
N ILE A 123 -1.24 22.13 0.90
CA ILE A 123 -0.45 22.63 2.03
C ILE A 123 1.03 22.54 1.66
N VAL A 124 1.73 23.66 1.81
CA VAL A 124 3.18 23.71 1.64
C VAL A 124 3.82 23.82 3.02
N HIS A 125 4.77 22.92 3.31
CA HIS A 125 5.40 22.92 4.62
C HIS A 125 6.31 24.12 4.78
N ARG A 126 7.10 24.44 3.76
CA ARG A 126 7.93 25.64 3.66
C ARG A 126 9.11 25.64 4.62
N ASP A 127 9.15 24.74 5.60
CA ASP A 127 10.36 24.51 6.38
C ASP A 127 10.56 23.01 6.49
N LEU A 128 11.62 22.49 5.90
CA LEU A 128 11.87 21.05 5.92
C LEU A 128 13.35 20.80 6.14
N LYS A 129 13.65 19.94 7.09
CA LYS A 129 15.04 19.65 7.43
C LYS A 129 15.10 18.39 8.29
N PRO A 130 16.30 17.93 8.64
CA PRO A 130 16.38 16.77 9.55
C PRO A 130 15.82 17.04 10.93
N HIS A 131 15.92 18.29 11.41
CA HIS A 131 15.44 18.60 12.75
C HIS A 131 13.92 18.60 12.82
N ASN A 132 13.25 18.92 11.70
CA ASN A 132 11.79 18.89 11.67
C ASN A 132 11.24 17.48 11.58
N ILE A 133 11.96 16.56 10.94
CA ILE A 133 11.48 15.20 10.74
C ILE A 133 11.73 14.40 12.01
N LEU A 134 10.70 13.68 12.46
CA LEU A 134 10.74 12.94 13.71
C LEU A 134 10.68 11.44 13.47
N ILE A 135 11.38 10.70 14.32
CA ILE A 135 11.39 9.23 14.28
C ILE A 135 10.41 8.75 15.33
N SER A 136 9.37 8.05 14.88
CA SER A 136 8.30 7.64 15.77
C SER A 136 8.79 6.63 16.79
N MET A 137 8.05 6.51 17.89
CA MET A 137 8.26 5.41 18.82
C MET A 137 7.69 4.12 18.23
N PRO A 138 8.25 2.97 18.60
CA PRO A 138 7.78 1.72 18.01
C PRO A 138 6.33 1.42 18.34
N ASN A 139 5.58 0.98 17.33
CA ASN A 139 4.18 0.63 17.50
C ASN A 139 4.09 -0.80 18.06
N ALA A 140 2.87 -1.35 18.08
CA ALA A 140 2.66 -2.65 18.71
C ALA A 140 3.55 -3.73 18.10
N HIS A 141 3.84 -3.63 16.81
CA HIS A 141 4.69 -4.61 16.13
C HIS A 141 6.17 -4.23 16.16
N GLY A 142 6.52 -3.12 16.82
CA GLY A 142 7.90 -2.70 16.87
C GLY A 142 8.39 -1.98 15.63
N LYS A 143 7.49 -1.50 14.78
CA LYS A 143 7.86 -0.80 13.57
C LYS A 143 8.00 0.70 13.85
N ILE A 144 9.01 1.30 13.22
CA ILE A 144 9.36 2.70 13.42
C ILE A 144 9.28 3.41 12.07
N LYS A 145 8.78 4.64 12.09
CA LYS A 145 8.52 5.39 10.87
C LYS A 145 8.92 6.85 11.04
N ALA A 146 9.28 7.48 9.93
CA ALA A 146 9.56 8.90 9.90
C ALA A 146 8.23 9.66 9.83
N MET A 147 8.18 10.82 10.48
CA MET A 147 6.94 11.59 10.55
C MET A 147 7.23 13.08 10.46
N ILE A 148 6.32 13.79 9.78
CA ILE A 148 6.42 15.24 9.57
C ILE A 148 5.75 15.95 10.74
N SER A 149 6.34 17.05 11.18
CA SER A 149 5.81 17.83 12.29
C SER A 149 6.17 19.30 12.07
N ASP A 150 5.87 20.12 13.08
CA ASP A 150 6.20 21.55 13.08
C ASP A 150 5.55 22.23 11.87
N PHE A 151 4.22 22.27 11.89
CA PHE A 151 3.40 22.90 10.87
C PHE A 151 3.36 24.42 11.01
N GLY A 152 4.01 24.99 12.03
CA GLY A 152 3.88 26.42 12.30
C GLY A 152 4.06 27.31 11.08
N LEU A 153 4.99 26.95 10.20
CA LEU A 153 5.26 27.74 9.00
C LEU A 153 4.44 27.29 7.80
N CYS A 154 3.53 26.33 7.97
CA CYS A 154 2.77 25.81 6.84
C CYS A 154 1.78 26.84 6.33
N LYS A 155 1.41 26.68 5.05
CA LYS A 155 0.46 27.55 4.38
C LYS A 155 -0.42 26.72 3.46
N LYS A 156 -1.71 27.01 3.47
CA LYS A 156 -2.67 26.36 2.58
C LYS A 156 -3.00 27.30 1.43
N LEU A 157 -2.77 26.84 0.20
CA LEU A 157 -2.95 27.69 -0.96
C LEU A 157 -4.43 27.85 -1.30
N ALA A 158 -4.72 28.95 -1.98
CA ALA A 158 -6.09 29.27 -2.38
C ALA A 158 -6.57 28.29 -3.45
N VAL A 159 -7.88 28.20 -3.60
CA VAL A 159 -8.52 27.28 -4.54
C VAL A 159 -7.95 27.43 -5.95
N ARG A 161 -4.98 29.17 -6.92
CA ARG A 161 -3.57 29.46 -7.14
C ARG A 161 -2.72 28.23 -6.86
N HIS A 162 -1.83 27.92 -7.80
CA HIS A 162 -0.88 26.82 -7.63
C HIS A 162 0.44 27.36 -7.06
N PHE A 164 2.25 30.66 -4.32
CA PHE A 164 2.02 31.59 -3.22
C PHE A 164 3.05 32.71 -3.24
N ARG A 166 5.50 35.90 -1.75
CA ARG A 166 6.56 35.99 -0.76
C ARG A 166 6.22 37.01 0.33
N ARG A 167 5.01 37.55 0.25
CA ARG A 167 4.56 38.62 1.15
C ARG A 167 4.75 38.33 2.64
N GLY A 169 7.10 36.60 4.23
CA GLY A 169 8.44 36.67 4.73
C GLY A 169 9.34 35.69 3.98
N VAL A 170 10.41 35.28 4.65
CA VAL A 170 11.26 34.19 4.19
C VAL A 170 11.16 33.06 5.21
N PRO A 171 10.13 32.23 5.16
CA PRO A 171 10.05 31.10 6.08
C PRO A 171 11.12 30.07 5.74
N GLY A 172 11.41 29.22 6.72
CA GLY A 172 12.41 28.18 6.57
C GLY A 172 13.67 28.49 7.35
N THR A 173 14.52 27.46 7.42
CA THR A 173 15.75 27.49 8.21
C THR A 173 16.94 27.62 7.29
N GLU A 174 17.94 28.38 7.73
CA GLU A 174 19.08 28.73 6.88
C GLU A 174 19.75 27.48 6.32
N GLY A 175 20.01 27.49 5.02
CA GLY A 175 20.64 26.40 4.32
C GLY A 175 19.69 25.37 3.75
N TRP A 176 18.47 25.28 4.28
CA TRP A 176 17.43 24.42 3.74
C TRP A 176 16.43 25.17 2.85
N ILE A 177 16.61 26.48 2.63
CA ILE A 177 15.65 27.30 1.91
C ILE A 177 15.92 27.21 0.42
N ALA A 178 14.85 27.09 -0.36
CA ALA A 178 14.98 27.06 -1.80
C ALA A 178 15.44 28.42 -2.32
N PRO A 179 16.18 28.46 -3.43
CA PRO A 179 16.74 29.76 -3.87
C PRO A 179 15.69 30.76 -4.31
N GLU A 180 14.62 30.31 -4.97
CA GLU A 180 13.59 31.25 -5.43
C GLU A 180 12.88 31.95 -4.28
N MET A 181 13.05 31.46 -3.04
CA MET A 181 12.46 32.12 -1.88
C MET A 181 13.27 33.35 -1.46
N LEU A 182 14.59 33.26 -1.50
CA LEU A 182 15.47 34.33 -1.05
C LEU A 182 15.76 35.37 -2.11
N SER A 183 15.44 35.11 -3.37
CA SER A 183 15.80 36.01 -4.45
C SER A 183 14.69 37.01 -4.73
N CYS A 186 12.75 37.32 -8.86
CA CYS A 186 12.33 36.53 -10.01
C CYS A 186 10.82 36.61 -10.21
N LYS A 187 10.38 36.51 -11.47
CA LYS A 187 8.97 36.66 -11.78
C LYS A 187 8.14 35.52 -11.19
N GLU A 188 8.66 34.30 -11.24
CA GLU A 188 7.87 33.14 -10.83
C GLU A 188 7.75 33.07 -9.31
N ASN A 189 6.51 32.94 -8.84
CA ASN A 189 6.27 32.76 -7.42
C ASN A 189 6.68 31.35 -6.99
N PRO A 190 7.07 31.17 -5.73
CA PRO A 190 7.34 29.82 -5.23
C PRO A 190 6.07 28.99 -5.19
N THR A 191 6.28 27.68 -5.17
CA THR A 191 5.18 26.72 -5.17
C THR A 191 5.64 25.51 -4.36
N TYR A 192 4.87 24.43 -4.44
CA TYR A 192 5.14 23.24 -3.64
C TYR A 192 6.58 22.75 -3.78
N THR A 193 7.26 23.09 -4.89
CA THR A 193 8.60 22.60 -5.14
C THR A 193 9.65 23.19 -4.18
N VAL A 194 9.30 24.18 -3.36
CA VAL A 194 10.24 24.61 -2.33
C VAL A 194 10.51 23.48 -1.36
N ASP A 195 9.47 22.71 -1.03
CA ASP A 195 9.64 21.55 -0.17
C ASP A 195 10.46 20.46 -0.86
N ILE A 196 10.35 20.33 -2.18
CA ILE A 196 11.12 19.33 -2.90
C ILE A 196 12.61 19.66 -2.81
N PHE A 197 12.97 20.95 -2.90
CA PHE A 197 14.36 21.35 -2.74
C PHE A 197 14.86 20.99 -1.36
N SER A 198 14.13 21.38 -0.32
CA SER A 198 14.52 21.04 1.04
C SER A 198 14.62 19.52 1.19
N ALA A 199 13.67 18.78 0.62
CA ALA A 199 13.68 17.33 0.73
C ALA A 199 14.91 16.75 0.04
N GLY A 200 15.28 17.30 -1.12
CA GLY A 200 16.49 16.83 -1.79
C GLY A 200 17.73 16.99 -0.93
N CYS A 201 17.85 18.14 -0.25
CA CYS A 201 18.95 18.32 0.70
C CYS A 201 18.85 17.31 1.84
N VAL A 202 17.64 17.00 2.29
CA VAL A 202 17.45 16.00 3.34
C VAL A 202 17.83 14.62 2.82
N PHE A 203 17.46 14.31 1.57
CA PHE A 203 17.82 13.03 0.98
C PHE A 203 19.32 12.82 1.00
N TYR A 204 20.08 13.80 0.52
CA TYR A 204 21.54 13.68 0.54
C TYR A 204 22.07 13.65 1.98
N TYR A 205 21.44 14.41 2.87
CA TYR A 205 21.88 14.44 4.26
C TYR A 205 21.84 13.04 4.88
N VAL A 206 20.80 12.27 4.58
CA VAL A 206 20.70 10.91 5.11
C VAL A 206 21.66 9.99 4.38
N ILE A 207 21.68 10.05 3.05
CA ILE A 207 22.55 9.18 2.26
C ILE A 207 24.01 9.45 2.61
N SER A 208 24.40 10.72 2.62
CA SER A 208 25.77 11.11 2.90
C SER A 208 26.16 10.91 4.36
N GLU A 209 25.21 10.54 5.23
CA GLU A 209 25.46 10.39 6.65
C GLU A 209 25.98 11.69 7.27
N GLY A 210 25.23 12.77 7.05
CA GLY A 210 25.42 14.04 7.73
C GLY A 210 26.00 15.14 6.88
N SER A 211 26.55 14.84 5.71
CA SER A 211 27.02 15.88 4.82
C SER A 211 25.87 16.52 4.06
N HIS A 212 26.08 17.76 3.63
CA HIS A 212 25.05 18.56 2.96
C HIS A 212 25.51 18.85 1.53
N PRO A 213 24.59 18.92 0.56
CA PRO A 213 25.00 19.21 -0.82
C PRO A 213 25.82 20.48 -0.94
N PHE A 214 25.44 21.53 -0.21
CA PHE A 214 26.10 22.82 -0.21
C PHE A 214 27.13 22.96 0.90
N GLY A 215 27.39 21.89 1.65
CA GLY A 215 28.47 21.84 2.60
C GLY A 215 28.29 22.59 3.90
N LYS A 216 29.33 23.31 4.33
CA LYS A 216 29.38 23.86 5.67
C LYS A 216 28.25 24.84 5.91
N SER A 217 27.71 24.81 7.14
CA SER A 217 26.53 25.61 7.49
C SER A 217 26.76 27.09 7.23
N LEU A 218 27.96 27.58 7.51
CA LEU A 218 28.27 29.00 7.34
C LEU A 218 27.96 29.46 5.91
N GLN A 219 28.67 28.90 4.93
CA GLN A 219 28.51 29.28 3.54
C GLN A 219 27.38 28.51 2.85
N ARG A 220 26.66 27.65 3.58
CA ARG A 220 25.63 26.81 2.98
C ARG A 220 24.61 27.64 2.20
N GLN A 221 24.02 28.63 2.86
CA GLN A 221 22.93 29.39 2.24
C GLN A 221 23.45 30.27 1.09
N ALA A 222 24.69 30.75 1.19
CA ALA A 222 25.26 31.50 0.09
C ALA A 222 25.46 30.63 -1.13
N ASN A 223 26.00 29.42 -0.93
CA ASN A 223 26.20 28.49 -2.04
C ASN A 223 24.89 28.10 -2.70
N ILE A 224 23.81 28.05 -1.93
CA ILE A 224 22.48 27.79 -2.53
C ILE A 224 22.12 28.92 -3.48
N LEU A 225 22.27 30.16 -3.02
CA LEU A 225 21.95 31.31 -3.87
C LEU A 225 22.80 31.33 -5.13
N LEU A 226 24.06 30.90 -5.00
CA LEU A 226 24.95 30.79 -6.16
C LEU A 226 24.70 29.53 -6.97
N GLY A 227 23.97 28.56 -6.42
CA GLY A 227 23.77 27.30 -7.11
C GLY A 227 24.98 26.40 -7.11
N ALA A 228 25.90 26.59 -6.19
CA ALA A 228 27.11 25.78 -6.11
C ALA A 228 26.87 24.63 -5.15
N CYS A 229 26.83 23.41 -5.70
CA CYS A 229 26.56 22.21 -4.93
C CYS A 229 27.52 21.11 -5.36
N SER A 230 27.83 20.22 -4.42
CA SER A 230 28.75 19.12 -4.67
C SER A 230 28.23 17.89 -3.94
N LEU A 231 28.21 16.75 -4.63
CA LEU A 231 27.96 15.46 -4.01
C LEU A 231 29.26 14.68 -4.14
N ASP A 232 29.99 14.55 -3.03
CA ASP A 232 31.23 13.80 -3.00
C ASP A 232 31.05 12.36 -2.56
N CYS A 233 29.87 12.02 -2.04
CA CYS A 233 29.61 10.68 -1.52
C CYS A 233 28.98 9.75 -2.54
N LEU A 234 28.60 10.28 -3.70
CA LEU A 234 27.96 9.49 -4.75
C LEU A 234 28.98 9.22 -5.84
N HIS A 235 29.34 7.94 -5.98
CA HIS A 235 30.34 7.56 -6.97
C HIS A 235 29.71 7.61 -8.37
N PRO A 236 30.41 8.17 -9.36
CA PRO A 236 29.82 8.24 -10.71
C PRO A 236 29.59 6.87 -11.34
N GLU A 237 30.46 5.90 -11.05
CA GLU A 237 30.40 4.57 -11.65
C GLU A 237 29.67 3.54 -10.80
N LYS A 238 29.10 3.93 -9.66
CA LYS A 238 28.41 3.00 -8.78
C LYS A 238 26.90 3.12 -8.96
N HIS A 239 26.24 1.97 -9.20
CA HIS A 239 24.84 2.00 -9.61
C HIS A 239 23.95 2.67 -8.57
N GLU A 240 24.06 2.25 -7.31
CA GLU A 240 23.22 2.83 -6.27
CA GLU A 240 23.23 2.83 -6.26
C GLU A 240 23.41 4.34 -6.19
N ASP A 241 24.65 4.81 -6.38
CA ASP A 241 24.93 6.23 -6.29
C ASP A 241 24.47 6.98 -7.54
N VAL A 242 24.49 6.32 -8.70
CA VAL A 242 24.03 6.98 -9.93
C VAL A 242 22.53 7.27 -9.85
N ILE A 243 21.75 6.30 -9.37
CA ILE A 243 20.31 6.51 -9.23
C ILE A 243 20.03 7.60 -8.21
N ALA A 244 20.75 7.59 -7.08
CA ALA A 244 20.53 8.60 -6.05
C ALA A 244 20.93 9.98 -6.56
N ARG A 245 22.04 10.08 -7.29
CA ARG A 245 22.46 11.36 -7.85
C ARG A 245 21.45 11.87 -8.87
N GLU A 246 20.98 10.99 -9.76
CA GLU A 246 20.02 11.41 -10.78
C GLU A 246 18.76 11.98 -10.15
N LEU A 247 18.31 11.39 -9.05
CA LEU A 247 17.15 11.92 -8.34
C LEU A 247 17.51 13.18 -7.56
N ILE A 248 18.65 13.16 -6.85
CA ILE A 248 19.00 14.27 -5.96
C ILE A 248 19.49 15.48 -6.73
N GLU A 249 20.12 15.29 -7.89
CA GLU A 249 20.45 16.45 -8.71
C GLU A 249 19.17 17.11 -9.21
N LYS A 250 18.19 16.30 -9.59
CA LYS A 250 16.82 16.75 -9.59
C LYS A 250 16.38 17.03 -8.15
N MET A 251 15.36 17.85 -8.02
CA MET A 251 14.82 18.32 -6.75
C MET A 251 15.65 19.38 -6.03
N ILE A 252 16.97 19.46 -6.25
CA ILE A 252 17.75 20.62 -5.80
C ILE A 252 18.09 21.55 -6.95
N ALA A 253 17.63 21.24 -8.17
CA ALA A 253 17.94 22.05 -9.33
C ALA A 253 17.55 23.50 -9.08
N MET A 254 18.42 24.42 -9.51
CA MET A 254 18.15 25.84 -9.36
C MET A 254 16.81 26.22 -9.97
N ASP A 255 16.53 25.74 -11.17
CA ASP A 255 15.27 26.03 -11.82
C ASP A 255 14.16 25.20 -11.15
N PRO A 256 13.18 25.84 -10.47
CA PRO A 256 12.20 25.03 -9.74
C PRO A 256 11.26 24.25 -10.64
N GLN A 257 10.98 24.73 -11.85
CA GLN A 257 10.08 24.01 -12.74
C GLN A 257 10.71 22.75 -13.32
N LYS A 258 12.00 22.52 -13.09
CA LYS A 258 12.65 21.27 -13.44
C LYS A 258 12.62 20.26 -12.31
N ARG A 259 12.07 20.64 -11.12
CA ARG A 259 12.05 19.74 -9.98
C ARG A 259 10.82 18.83 -10.06
N PRO A 260 10.94 17.58 -9.61
CA PRO A 260 9.79 16.69 -9.60
C PRO A 260 8.86 16.99 -8.44
N SER A 261 7.58 16.68 -8.62
CA SER A 261 6.63 16.71 -7.52
C SER A 261 6.90 15.54 -6.58
N ALA A 262 6.39 15.66 -5.36
CA ALA A 262 6.57 14.61 -4.37
C ALA A 262 6.11 13.26 -4.92
N LYS A 263 5.02 13.24 -5.69
CA LYS A 263 4.55 12.00 -6.28
C LYS A 263 5.54 11.48 -7.32
N HIS A 264 6.14 12.37 -8.12
CA HIS A 264 7.19 11.94 -9.03
C HIS A 264 8.35 11.29 -8.28
N VAL A 265 8.74 11.87 -7.15
CA VAL A 265 9.86 11.33 -6.37
C VAL A 265 9.51 9.93 -5.86
N LEU A 266 8.24 9.70 -5.50
CA LEU A 266 7.83 8.39 -5.01
C LEU A 266 7.98 7.32 -6.06
N LYS A 267 7.78 7.66 -7.33
CA LYS A 267 7.91 6.70 -8.42
C LYS A 267 9.36 6.46 -8.83
N HIS A 268 10.31 7.22 -8.30
CA HIS A 268 11.66 7.17 -8.84
C HIS A 268 12.33 5.83 -8.53
N PRO A 269 13.22 5.35 -9.40
CA PRO A 269 13.92 4.08 -9.12
C PRO A 269 14.72 4.07 -7.84
N PHE A 270 14.97 5.23 -7.23
CA PHE A 270 15.69 5.27 -5.97
C PHE A 270 15.00 4.43 -4.91
N PHE A 271 13.67 4.29 -4.99
CA PHE A 271 12.90 3.50 -4.03
C PHE A 271 12.57 2.09 -4.52
N TRP A 272 12.98 1.71 -5.72
CA TRP A 272 12.61 0.41 -6.27
C TRP A 272 13.40 -0.71 -5.61
N SER A 273 12.71 -1.82 -5.34
CA SER A 273 13.39 -3.04 -4.94
C SER A 273 14.06 -3.66 -6.17
N LEU A 274 14.76 -4.77 -5.95
CA LEU A 274 15.45 -5.42 -7.05
C LEU A 274 14.48 -6.08 -8.03
N GLU A 275 13.36 -6.60 -7.53
CA GLU A 275 12.35 -7.18 -8.42
C GLU A 275 11.75 -6.13 -9.33
N LYS A 276 11.48 -4.94 -8.79
CA LYS A 276 10.88 -3.87 -9.58
C LYS A 276 11.86 -3.37 -10.65
N GLN A 277 13.14 -3.28 -10.32
CA GLN A 277 14.15 -2.91 -11.30
C GLN A 277 14.20 -3.92 -12.43
N LEU A 278 14.27 -5.21 -12.08
CA LEU A 278 14.32 -6.25 -13.10
C LEU A 278 13.04 -6.29 -13.91
N GLN A 279 11.89 -6.09 -13.25
CA GLN A 279 10.63 -6.07 -13.98
C GLN A 279 10.56 -4.87 -14.91
N PHE A 280 11.10 -3.72 -14.49
CA PHE A 280 11.19 -2.57 -15.38
C PHE A 280 12.02 -2.90 -16.61
N PHE A 281 13.18 -3.52 -16.42
CA PHE A 281 14.01 -3.92 -17.55
C PHE A 281 13.27 -4.90 -18.46
N GLN A 282 12.49 -5.81 -17.88
CA GLN A 282 11.71 -6.75 -18.69
C GLN A 282 10.67 -6.02 -19.51
N ASP A 283 9.88 -5.15 -18.87
CA ASP A 283 8.81 -4.46 -19.59
C ASP A 283 9.37 -3.50 -20.63
N VAL A 284 10.51 -2.87 -20.36
CA VAL A 284 11.16 -2.04 -21.37
C VAL A 284 11.56 -2.89 -22.57
N SER A 285 12.25 -4.01 -22.32
CA SER A 285 12.70 -4.87 -23.40
C SER A 285 11.53 -5.40 -24.22
N ASP A 286 10.46 -5.86 -23.55
CA ASP A 286 9.28 -6.33 -24.28
C ASP A 286 8.59 -5.19 -25.01
N ARG A 287 8.68 -3.97 -24.49
CA ARG A 287 8.02 -2.84 -25.14
C ARG A 287 8.74 -2.45 -26.42
N ILE A 288 10.08 -2.53 -26.43
CA ILE A 288 10.87 -2.05 -27.57
C ILE A 288 11.18 -3.14 -28.58
N GLU A 289 10.74 -4.38 -28.34
CA GLU A 289 10.94 -5.46 -29.30
C GLU A 289 9.61 -5.99 -29.83
N LYS A 290 9.33 -5.91 -31.14
CA LYS A 290 10.20 -5.31 -32.15
C LYS A 290 9.68 -3.92 -32.53
N GLU A 291 10.40 -2.89 -32.10
CA GLU A 291 10.17 -1.55 -32.60
C GLU A 291 11.12 -1.28 -33.76
N SER A 292 11.02 -0.10 -34.36
CA SER A 292 11.90 0.30 -35.44
C SER A 292 13.15 0.94 -34.86
N LEU A 293 14.32 0.45 -35.25
CA LEU A 293 15.57 1.00 -34.74
C LEU A 293 15.78 2.44 -35.17
N ASP A 294 15.05 2.90 -36.19
CA ASP A 294 15.05 4.30 -36.58
C ASP A 294 13.96 5.11 -35.89
N GLY A 295 13.09 4.47 -35.11
CA GLY A 295 11.98 5.15 -34.49
C GLY A 295 12.41 6.00 -33.31
N PRO A 296 11.50 6.86 -32.83
CA PRO A 296 11.85 7.74 -31.70
C PRO A 296 12.22 7.00 -30.42
N ILE A 297 11.49 5.94 -30.08
CA ILE A 297 11.72 5.25 -28.81
C ILE A 297 13.12 4.65 -28.78
N VAL A 298 13.43 3.79 -29.75
CA VAL A 298 14.72 3.09 -29.74
C VAL A 298 15.86 4.05 -30.01
N LYS A 299 15.63 5.08 -30.82
CA LYS A 299 16.65 6.10 -31.03
C LYS A 299 16.95 6.86 -29.75
N GLN A 300 15.91 7.14 -28.96
CA GLN A 300 16.11 7.81 -27.68
C GLN A 300 16.88 6.91 -26.71
N LEU A 301 16.63 5.60 -26.76
CA LEU A 301 17.32 4.68 -25.86
C LEU A 301 18.78 4.53 -26.23
N GLU A 302 19.10 4.57 -27.52
CA GLU A 302 20.48 4.38 -27.99
C GLU A 302 21.28 5.67 -28.07
N ARG A 303 20.65 6.83 -27.89
CA ARG A 303 21.34 8.10 -28.12
C ARG A 303 22.56 8.24 -27.23
N GLY A 304 22.37 8.17 -25.92
CA GLY A 304 23.48 8.20 -24.99
C GLY A 304 24.22 6.89 -24.85
N GLY A 305 23.91 5.92 -25.69
CA GLY A 305 24.44 4.58 -25.52
C GLY A 305 25.93 4.48 -25.80
N ARG A 306 26.47 3.32 -25.42
CA ARG A 306 27.87 2.96 -25.60
C ARG A 306 28.78 3.63 -24.57
N ALA A 307 28.30 4.69 -23.92
CA ALA A 307 28.88 5.12 -22.66
C ALA A 307 28.32 4.32 -21.49
N VAL A 308 27.00 4.11 -21.49
CA VAL A 308 26.37 3.25 -20.50
C VAL A 308 26.80 1.81 -20.72
N VAL A 309 26.96 1.42 -21.98
CA VAL A 309 27.29 0.05 -22.34
C VAL A 309 28.78 -0.24 -22.20
N LYS A 310 29.62 0.77 -22.08
CA LYS A 310 31.08 0.66 -22.09
C LYS A 310 31.56 0.43 -23.52
N MET A 311 30.64 0.42 -24.49
CA MET A 311 30.87 0.42 -25.93
C MET A 311 31.10 -0.96 -26.52
N ASP A 312 31.39 -1.95 -25.68
CA ASP A 312 31.02 -3.33 -25.97
C ASP A 312 30.59 -3.93 -24.64
N TRP A 313 29.35 -4.41 -24.53
CA TRP A 313 28.95 -5.04 -23.28
C TRP A 313 29.23 -6.53 -23.24
N ARG A 314 29.61 -7.13 -24.37
CA ARG A 314 29.99 -8.53 -24.36
C ARG A 314 31.37 -8.74 -23.75
N GLU A 315 32.24 -7.74 -23.82
CA GLU A 315 33.56 -7.83 -23.20
C GLU A 315 33.52 -7.51 -21.71
N ASN A 316 32.47 -6.83 -21.24
CA ASN A 316 32.34 -6.43 -19.86
C ASN A 316 31.54 -7.43 -19.01
N ILE A 317 31.17 -8.57 -19.59
CA ILE A 317 30.39 -9.58 -18.89
C ILE A 317 31.26 -10.82 -18.69
N THR A 318 30.89 -11.59 -17.66
CA THR A 318 31.62 -12.82 -17.34
C THR A 318 31.61 -13.77 -18.52
N VAL A 319 32.70 -14.53 -18.68
CA VAL A 319 32.88 -15.37 -19.86
C VAL A 319 31.84 -16.49 -19.91
N PRO A 320 31.42 -17.11 -18.79
CA PRO A 320 30.39 -18.14 -18.92
C PRO A 320 29.13 -17.64 -19.59
N LEU A 321 28.74 -16.39 -19.34
CA LEU A 321 27.63 -15.79 -20.06
C LEU A 321 28.05 -15.35 -21.46
N GLN A 322 29.32 -14.96 -21.64
CA GLN A 322 29.79 -14.54 -22.95
C GLN A 322 29.78 -15.70 -23.94
N THR A 323 30.15 -16.90 -23.47
CA THR A 323 30.11 -18.09 -24.30
C THR A 323 28.70 -18.70 -24.38
N ASP A 324 27.78 -18.24 -23.54
CA ASP A 324 26.37 -18.63 -23.65
C ASP A 324 25.56 -17.68 -24.53
N LEU A 325 26.12 -16.52 -24.89
CA LEU A 325 25.45 -15.56 -25.74
C LEU A 325 25.75 -15.75 -27.22
N ARG A 326 26.70 -16.63 -27.56
CA ARG A 326 27.08 -16.83 -28.95
C ARG A 326 26.03 -17.61 -29.74
N LYS A 327 25.00 -18.14 -29.08
CA LYS A 327 23.91 -18.79 -29.81
C LYS A 327 23.22 -17.85 -30.77
N PHE A 328 23.37 -16.54 -30.58
CA PHE A 328 22.79 -15.53 -31.46
C PHE A 328 23.85 -14.50 -31.80
N ARG A 329 24.21 -14.41 -33.08
CA ARG A 329 24.98 -13.27 -33.56
C ARG A 329 24.15 -11.99 -33.58
N THR A 330 22.85 -12.09 -33.33
CA THR A 330 21.95 -10.93 -33.34
C THR A 330 22.19 -9.96 -32.19
N TYR A 331 23.03 -10.31 -31.22
CA TYR A 331 23.28 -9.46 -30.07
C TYR A 331 24.45 -8.53 -30.40
N LYS A 332 24.17 -7.23 -30.45
CA LYS A 332 25.15 -6.23 -30.83
C LYS A 332 25.67 -5.55 -29.56
N GLY A 333 26.99 -5.64 -29.35
CA GLY A 333 27.60 -5.16 -28.11
C GLY A 333 27.55 -3.66 -27.91
N GLY A 334 27.22 -2.90 -28.95
CA GLY A 334 27.07 -1.47 -28.84
C GLY A 334 25.64 -0.98 -28.74
N SER A 335 24.68 -1.88 -28.52
CA SER A 335 23.27 -1.53 -28.46
C SER A 335 22.75 -1.76 -27.04
N VAL A 336 22.16 -0.71 -26.47
CA VAL A 336 21.48 -0.86 -25.17
C VAL A 336 20.29 -1.79 -25.32
N ARG A 337 19.53 -1.62 -26.40
CA ARG A 337 18.39 -2.50 -26.67
C ARG A 337 18.81 -3.97 -26.63
N ASP A 338 19.90 -4.30 -27.34
CA ASP A 338 20.35 -5.69 -27.37
C ASP A 338 20.86 -6.15 -26.02
N LEU A 339 21.37 -5.23 -25.20
CA LEU A 339 21.74 -5.61 -23.83
C LEU A 339 20.50 -5.95 -23.02
N LEU A 340 19.44 -5.14 -23.14
CA LEU A 340 18.20 -5.44 -22.45
C LEU A 340 17.55 -6.71 -22.99
N ARG A 341 17.68 -6.98 -24.28
CA ARG A 341 17.14 -8.21 -24.85
C ARG A 341 17.88 -9.43 -24.32
N ALA A 342 19.20 -9.32 -24.14
CA ALA A 342 19.96 -10.41 -23.54
C ALA A 342 19.49 -10.68 -22.12
N MET A 343 19.26 -9.63 -21.34
CA MET A 343 18.75 -9.79 -19.98
C MET A 343 17.36 -10.42 -19.99
N ARG A 344 16.48 -9.91 -20.86
CA ARG A 344 15.13 -10.46 -20.97
C ARG A 344 15.17 -11.95 -21.30
N ASN A 345 16.04 -12.34 -22.23
CA ASN A 345 16.07 -13.74 -22.67
C ASN A 345 16.62 -14.65 -21.59
N LYS A 346 17.71 -14.23 -20.92
CA LYS A 346 18.31 -15.07 -19.88
C LYS A 346 17.45 -15.14 -18.64
N LYS A 347 16.56 -14.17 -18.43
CA LYS A 347 15.61 -14.26 -17.32
C LYS A 347 14.50 -15.28 -17.62
N HIS A 348 13.97 -15.24 -18.84
CA HIS A 348 12.85 -16.12 -19.19
C HIS A 348 13.30 -17.57 -19.28
N HIS A 349 14.51 -17.81 -19.79
CA HIS A 349 15.07 -19.14 -19.95
C HIS A 349 15.93 -19.56 -18.76
N TYR A 350 15.95 -18.76 -17.68
CA TYR A 350 16.93 -18.92 -16.61
C TYR A 350 17.01 -20.36 -16.10
N ARG A 351 15.86 -20.96 -15.75
CA ARG A 351 15.89 -22.28 -15.13
C ARG A 351 16.48 -23.33 -16.06
N GLU A 352 16.41 -23.10 -17.37
CA GLU A 352 16.92 -24.07 -18.34
C GLU A 352 18.39 -23.85 -18.68
N LEU A 353 19.00 -22.77 -18.19
CA LEU A 353 20.37 -22.46 -18.57
C LEU A 353 21.35 -23.45 -17.94
N PRO A 354 22.55 -23.57 -18.51
CA PRO A 354 23.60 -24.34 -17.83
C PRO A 354 23.87 -23.80 -16.43
N ALA A 355 24.15 -24.72 -15.51
CA ALA A 355 24.38 -24.33 -14.12
C ALA A 355 25.44 -23.25 -13.99
N GLU A 356 26.45 -23.28 -14.87
CA GLU A 356 27.49 -22.25 -14.83
C GLU A 356 26.91 -20.88 -15.16
N VAL A 357 25.97 -20.82 -16.10
CA VAL A 357 25.37 -19.54 -16.47
C VAL A 357 24.35 -19.08 -15.43
N ARG A 358 23.64 -20.01 -14.79
CA ARG A 358 22.73 -19.64 -13.72
C ARG A 358 23.49 -19.14 -12.49
N GLU A 359 24.63 -19.75 -12.20
CA GLU A 359 25.40 -19.36 -11.02
C GLU A 359 26.11 -18.04 -11.25
N THR A 360 26.66 -17.82 -12.44
CA THR A 360 27.32 -16.55 -12.75
C THR A 360 26.33 -15.40 -12.84
N LEU A 361 25.04 -15.70 -13.01
CA LEU A 361 24.00 -14.69 -13.12
C LEU A 361 23.20 -14.56 -11.83
N GLY A 362 22.37 -15.56 -11.56
CA GLY A 362 21.40 -15.51 -10.49
C GLY A 362 22.01 -15.70 -9.11
N SER A 363 21.19 -16.04 -8.11
CA SER A 363 19.79 -16.41 -8.28
C SER A 363 18.89 -15.25 -8.69
N LEU A 364 17.73 -15.59 -9.25
CA LEU A 364 16.70 -14.61 -9.58
C LEU A 364 15.87 -14.22 -8.36
N PRO A 365 15.16 -13.08 -8.46
CA PRO A 365 15.44 -11.95 -9.34
C PRO A 365 16.65 -11.12 -8.84
N ASP A 366 16.94 -11.23 -7.54
CA ASP A 366 17.77 -10.25 -6.86
C ASP A 366 19.20 -10.25 -7.38
N ASP A 367 19.88 -11.41 -7.31
CA ASP A 367 21.27 -11.46 -7.74
C ASP A 367 21.41 -11.34 -9.26
N PHE A 368 20.34 -11.68 -9.99
CA PHE A 368 20.37 -11.58 -11.45
C PHE A 368 20.45 -10.13 -11.90
N VAL A 369 19.57 -9.28 -11.35
CA VAL A 369 19.56 -7.87 -11.75
C VAL A 369 20.80 -7.16 -11.26
N CYS A 370 21.37 -7.60 -10.13
CA CYS A 370 22.58 -6.98 -9.63
C CYS A 370 23.80 -7.32 -10.50
N TYR A 371 23.78 -8.49 -11.14
CA TYR A 371 24.87 -8.86 -12.04
C TYR A 371 25.05 -7.81 -13.13
N PHE A 372 23.95 -7.28 -13.65
CA PHE A 372 24.01 -6.28 -14.72
C PHE A 372 24.25 -4.88 -14.15
N THR A 373 23.32 -4.38 -13.34
CA THR A 373 23.43 -3.03 -12.80
C THR A 373 24.80 -2.77 -12.18
N SER A 374 25.42 -3.77 -11.58
CA SER A 374 26.76 -3.59 -11.03
C SER A 374 27.78 -3.39 -12.13
N ARG A 375 27.67 -4.17 -13.22
CA ARG A 375 28.61 -4.03 -14.34
C ARG A 375 28.25 -2.88 -15.27
N PHE A 376 27.00 -2.40 -15.23
CA PHE A 376 26.55 -1.30 -16.07
C PHE A 376 25.81 -0.31 -15.17
N PRO A 377 26.55 0.55 -14.47
CA PRO A 377 25.92 1.38 -13.42
C PRO A 377 24.97 2.44 -13.97
N HIS A 378 25.19 2.89 -15.20
CA HIS A 378 24.32 3.90 -15.82
C HIS A 378 23.17 3.31 -16.57
N LEU A 379 23.02 1.97 -16.57
CA LEU A 379 22.01 1.33 -17.40
C LEU A 379 20.60 1.70 -16.93
N LEU A 380 20.32 1.53 -15.64
CA LEU A 380 18.97 1.78 -15.13
C LEU A 380 18.59 3.25 -15.27
N ALA A 381 19.47 4.16 -14.83
CA ALA A 381 19.19 5.58 -14.91
C ALA A 381 18.98 6.02 -16.36
N HIS A 382 19.87 5.61 -17.26
CA HIS A 382 19.73 5.96 -18.67
C HIS A 382 18.43 5.43 -19.24
N THR A 383 18.13 4.15 -18.99
CA THR A 383 16.92 3.55 -19.52
C THR A 383 15.67 4.22 -18.97
N TYR A 384 15.69 4.58 -17.68
CA TYR A 384 14.54 5.23 -17.06
C TYR A 384 14.23 6.56 -17.74
N ARG A 385 15.25 7.38 -17.98
CA ARG A 385 15.01 8.68 -18.59
C ARG A 385 14.65 8.55 -20.05
N ALA A 386 15.24 7.59 -20.77
CA ALA A 386 14.93 7.43 -22.18
C ALA A 386 13.49 6.96 -22.39
N MET A 387 12.97 6.14 -21.48
CA MET A 387 11.66 5.51 -21.67
C MET A 387 10.50 6.37 -21.21
N GLU A 388 10.75 7.60 -20.75
CA GLU A 388 9.66 8.50 -20.40
C GLU A 388 8.73 8.76 -21.57
N LEU A 389 9.18 8.53 -22.81
CA LEU A 389 8.30 8.67 -23.96
C LEU A 389 7.09 7.75 -23.86
N CYS A 390 7.24 6.62 -23.16
CA CYS A 390 6.16 5.68 -22.91
C CYS A 390 5.47 5.90 -21.57
N SER A 391 5.86 6.94 -20.82
CA SER A 391 5.35 7.13 -19.46
C SER A 391 3.83 7.20 -19.42
N HIS A 392 3.19 7.65 -20.49
CA HIS A 392 1.73 7.76 -20.50
C HIS A 392 1.07 6.39 -20.59
N GLU A 393 1.75 5.42 -21.18
CA GLU A 393 1.16 4.10 -21.40
C GLU A 393 0.96 3.36 -20.08
N ARG A 394 -0.07 2.53 -20.04
CA ARG A 394 -0.45 1.83 -18.82
C ARG A 394 0.61 0.82 -18.37
N LEU A 395 1.45 0.35 -19.29
CA LEU A 395 2.45 -0.64 -18.91
C LEU A 395 3.49 -0.05 -17.97
N PHE A 396 3.88 1.21 -18.19
CA PHE A 396 4.91 1.86 -17.41
C PHE A 396 4.38 2.74 -16.28
N GLN A 397 3.06 2.79 -16.09
CA GLN A 397 2.51 3.59 -15.00
C GLN A 397 3.07 3.19 -13.63
N PRO A 398 3.35 1.92 -13.34
CA PRO A 398 4.04 1.62 -12.07
C PRO A 398 5.34 2.39 -11.89
N TYR A 399 6.08 2.62 -12.98
CA TYR A 399 7.41 3.22 -12.91
C TYR A 399 7.41 4.75 -13.07
N TYR A 400 6.30 5.35 -13.47
CA TYR A 400 6.24 6.79 -13.74
C TYR A 400 4.95 7.35 -13.17
N PHE A 401 4.91 8.67 -13.04
CA PHE A 401 3.73 9.39 -12.58
C PHE A 401 3.23 10.32 -13.67
N HIS A 402 1.95 10.20 -14.01
CA HIS A 402 1.32 11.05 -15.02
C HIS A 402 -0.09 11.42 -14.59
N SER B 1 -31.69 20.32 25.18
CA SER B 1 -30.96 19.81 26.33
C SER B 1 -29.52 19.49 25.95
N VAL B 2 -28.56 19.95 26.75
CA VAL B 2 -27.14 19.71 26.49
C VAL B 2 -26.50 19.14 27.75
N VAL B 3 -25.67 18.11 27.55
CA VAL B 3 -24.87 17.49 28.61
C VAL B 3 -23.41 17.76 28.29
N ILE B 4 -22.67 18.27 29.27
CA ILE B 4 -21.26 18.56 29.12
C ILE B 4 -20.52 17.80 30.22
N VAL B 5 -19.69 16.84 29.82
CA VAL B 5 -18.79 16.13 30.72
C VAL B 5 -17.39 16.41 30.21
N GLY B 6 -16.62 17.18 30.98
CA GLY B 6 -15.27 17.53 30.57
C GLY B 6 -15.27 18.23 29.22
N LYS B 7 -14.47 17.70 28.29
CA LYS B 7 -14.40 18.23 26.94
C LYS B 7 -15.48 17.65 26.02
N ILE B 8 -16.17 16.61 26.46
CA ILE B 8 -17.21 15.97 25.67
C ILE B 8 -18.53 16.66 25.94
N SER B 9 -19.20 17.11 24.87
CA SER B 9 -20.53 17.67 24.94
C SER B 9 -21.40 16.97 23.91
N PHE B 10 -22.61 16.59 24.32
CA PHE B 10 -23.53 15.91 23.42
C PHE B 10 -24.96 16.29 23.79
N CYS B 11 -25.85 16.02 22.85
CA CYS B 11 -27.28 16.27 23.01
C CYS B 11 -27.98 14.93 23.20
N PRO B 12 -28.76 14.73 24.27
CA PRO B 12 -29.36 13.41 24.48
C PRO B 12 -30.34 13.01 23.38
N LYS B 13 -30.98 13.97 22.71
CA LYS B 13 -31.88 13.61 21.62
C LYS B 13 -31.13 13.03 20.43
N ASP B 14 -29.89 13.48 20.21
CA ASP B 14 -29.09 12.92 19.12
C ASP B 14 -28.57 11.58 19.60
N VAL B 15 -29.05 10.50 18.98
CA VAL B 15 -28.70 9.14 19.37
C VAL B 15 -28.42 8.38 18.09
N LEU B 16 -27.18 7.92 17.95
CA LEU B 16 -26.84 7.11 16.78
C LEU B 16 -27.39 5.70 16.92
N GLY B 17 -27.45 5.17 18.13
CA GLY B 17 -28.02 3.86 18.35
C GLY B 17 -27.84 3.43 19.79
N HIS B 18 -28.56 2.38 20.15
CA HIS B 18 -28.49 1.78 21.47
C HIS B 18 -27.66 0.51 21.41
N GLY B 19 -26.72 0.38 22.34
CA GLY B 19 -25.91 -0.80 22.49
C GLY B 19 -26.60 -1.82 23.39
N ALA B 20 -25.79 -2.55 24.16
CA ALA B 20 -26.27 -3.52 25.12
C ALA B 20 -25.84 -3.07 26.51
N GLU B 21 -26.44 -3.70 27.53
CA GLU B 21 -26.13 -3.44 28.93
C GLU B 21 -26.16 -1.93 29.23
N GLY B 22 -27.11 -1.24 28.64
CA GLY B 22 -27.31 0.18 28.88
C GLY B 22 -26.41 1.09 28.08
N THR B 23 -25.62 0.56 27.16
CA THR B 23 -24.75 1.41 26.35
C THR B 23 -25.58 2.20 25.35
N ILE B 24 -25.34 3.51 25.29
CA ILE B 24 -25.94 4.39 24.30
C ILE B 24 -24.82 5.17 23.62
N VAL B 25 -25.02 5.44 22.34
CA VAL B 25 -24.08 6.21 21.54
C VAL B 25 -24.80 7.45 21.02
N TYR B 26 -24.19 8.61 21.23
CA TYR B 26 -24.73 9.89 20.82
C TYR B 26 -23.80 10.53 19.81
N ARG B 27 -24.36 11.47 19.04
CA ARG B 27 -23.56 12.39 18.24
C ARG B 27 -23.24 13.60 19.11
N GLY B 28 -21.96 13.99 19.13
CA GLY B 28 -21.52 15.01 20.04
C GLY B 28 -20.26 15.71 19.60
N MET B 29 -19.72 16.57 20.47
CA MET B 29 -18.55 17.38 20.17
C MET B 29 -17.42 17.05 21.14
N PHE B 30 -16.20 16.96 20.61
CA PHE B 30 -15.00 16.93 21.42
C PHE B 30 -13.95 17.79 20.75
N ASP B 31 -13.45 18.80 21.46
CA ASP B 31 -12.39 19.66 20.96
C ASP B 31 -12.75 20.25 19.60
N ASN B 32 -13.94 20.86 19.53
CA ASN B 32 -14.41 21.53 18.32
C ASN B 32 -14.42 20.58 17.12
N ARG B 33 -14.73 19.31 17.37
CA ARG B 33 -14.79 18.28 16.34
C ARG B 33 -16.06 17.47 16.51
N ASP B 34 -16.75 17.21 15.41
CA ASP B 34 -17.86 16.28 15.44
C ASP B 34 -17.36 14.89 15.77
N VAL B 35 -17.99 14.23 16.74
CA VAL B 35 -17.58 12.90 17.19
C VAL B 35 -18.80 12.12 17.64
N ALA B 36 -18.64 10.81 17.73
CA ALA B 36 -19.58 9.95 18.42
C ALA B 36 -19.18 9.84 19.88
N VAL B 37 -20.17 9.80 20.77
CA VAL B 37 -19.96 9.71 22.21
C VAL B 37 -20.62 8.43 22.70
N LYS B 38 -19.81 7.51 23.20
CA LYS B 38 -20.29 6.22 23.69
C LYS B 38 -20.37 6.27 25.21
N ARG B 39 -21.59 6.21 25.74
CA ARG B 39 -21.82 6.20 27.18
C ARG B 39 -21.98 4.75 27.64
N ILE B 40 -21.03 4.29 28.46
CA ILE B 40 -21.03 2.91 28.95
C ILE B 40 -21.17 2.92 30.46
N LEU B 41 -21.79 1.85 30.98
CA LEU B 41 -21.77 1.57 32.40
C LEU B 41 -20.54 0.71 32.68
N PRO B 42 -19.50 1.23 33.34
CA PRO B 42 -18.28 0.43 33.55
C PRO B 42 -18.48 -0.73 34.50
N ASP B 49 -13.12 -1.25 31.02
CA ASP B 49 -11.99 -0.50 30.46
C ASP B 49 -11.20 -1.34 29.47
N ARG B 50 -11.44 -2.66 29.50
CA ARG B 50 -10.75 -3.56 28.57
C ARG B 50 -11.08 -3.20 27.13
N GLU B 51 -12.37 -3.03 26.82
CA GLU B 51 -12.76 -2.74 25.44
C GLU B 51 -12.23 -1.39 24.99
N VAL B 52 -12.01 -0.48 25.92
CA VAL B 52 -11.43 0.82 25.56
C VAL B 52 -9.95 0.66 25.22
N GLN B 53 -9.20 -0.02 26.09
CA GLN B 53 -7.77 -0.20 25.83
C GLN B 53 -7.52 -1.01 24.57
N LEU B 54 -8.40 -1.98 24.29
CA LEU B 54 -8.29 -2.73 23.03
C LEU B 54 -8.53 -1.82 21.84
N LEU B 55 -9.58 -0.99 21.91
CA LEU B 55 -9.83 -0.02 20.85
C LEU B 55 -8.66 0.95 20.70
N ARG B 56 -8.13 1.44 21.82
CA ARG B 56 -7.02 2.39 21.76
C ARG B 56 -5.80 1.78 21.06
N GLU B 57 -5.54 0.49 21.31
CA GLU B 57 -4.32 -0.13 20.80
C GLU B 57 -4.38 -0.36 19.30
N SER B 58 -5.57 -0.67 18.76
CA SER B 58 -5.71 -1.05 17.37
C SER B 58 -6.18 0.09 16.46
N ASP B 59 -6.37 1.31 16.96
CA ASP B 59 -7.03 2.35 16.18
C ASP B 59 -6.11 3.02 15.16
N GLU B 60 -4.80 2.76 15.20
CA GLU B 60 -3.88 3.35 14.24
C GLU B 60 -4.11 2.87 12.81
N HIS B 61 -4.94 1.84 12.63
CA HIS B 61 -5.26 1.34 11.30
C HIS B 61 -6.34 2.20 10.65
N PRO B 62 -6.24 2.49 9.35
CA PRO B 62 -7.25 3.35 8.73
C PRO B 62 -8.65 2.77 8.75
N ASN B 63 -8.79 1.44 8.79
CA ASN B 63 -10.07 0.76 8.79
C ASN B 63 -10.54 0.37 10.18
N VAL B 64 -9.83 0.81 11.23
CA VAL B 64 -10.31 0.72 12.60
C VAL B 64 -10.70 2.11 13.05
N ILE B 65 -11.82 2.22 13.76
CA ILE B 65 -12.36 3.52 14.13
C ILE B 65 -11.39 4.22 15.09
N ARG B 66 -11.28 5.53 14.94
CA ARG B 66 -10.31 6.32 15.69
C ARG B 66 -10.86 6.70 17.06
N TYR B 67 -10.00 6.63 18.06
CA TYR B 67 -10.34 6.96 19.44
C TYR B 67 -9.73 8.31 19.81
N PHE B 68 -10.51 9.12 20.52
CA PHE B 68 -10.11 10.48 20.88
C PHE B 68 -9.88 10.63 22.38
N CYS B 69 -10.92 10.49 23.19
CA CYS B 69 -10.81 10.79 24.61
C CYS B 69 -11.83 9.98 25.40
N THR B 70 -11.52 9.75 26.66
CA THR B 70 -12.48 9.23 27.63
C THR B 70 -12.73 10.27 28.71
N GLU B 71 -13.99 10.34 29.17
CA GLU B 71 -14.37 11.22 30.26
C GLU B 71 -15.23 10.42 31.23
N LYS B 72 -15.21 10.84 32.49
CA LYS B 72 -15.89 10.12 33.56
C LYS B 72 -16.70 11.08 34.41
N ASP B 73 -17.92 10.66 34.76
CA ASP B 73 -18.74 11.35 35.74
C ASP B 73 -19.26 10.31 36.73
N ARG B 74 -20.19 10.70 37.60
CA ARG B 74 -20.69 9.82 38.65
C ARG B 74 -21.03 8.43 38.13
N GLN B 75 -22.03 8.32 37.25
CA GLN B 75 -22.52 7.01 36.82
C GLN B 75 -21.68 6.41 35.71
N PHE B 76 -21.29 7.20 34.70
CA PHE B 76 -20.87 6.66 33.41
C PHE B 76 -19.44 7.06 33.04
N GLN B 77 -18.88 6.31 32.11
CA GLN B 77 -17.73 6.71 31.32
C GLN B 77 -18.22 7.13 29.94
N TYR B 78 -17.58 8.15 29.37
CA TYR B 78 -17.93 8.69 28.06
C TYR B 78 -16.71 8.57 27.16
N ILE B 79 -16.86 7.87 26.03
CA ILE B 79 -15.76 7.57 25.13
C ILE B 79 -16.00 8.33 23.83
N ALA B 80 -15.15 9.32 23.56
CA ALA B 80 -15.22 10.05 22.30
C ALA B 80 -14.47 9.30 21.22
N ILE B 81 -15.16 9.01 20.11
CA ILE B 81 -14.61 8.23 19.01
C ILE B 81 -15.09 8.86 17.70
N GLU B 82 -14.47 8.41 16.61
CA GLU B 82 -14.74 9.00 15.30
C GLU B 82 -16.20 8.82 14.92
N LEU B 83 -16.82 9.91 14.48
CA LEU B 83 -18.18 9.86 13.97
C LEU B 83 -18.17 9.38 12.53
N CYS B 84 -19.12 8.51 12.19
CA CYS B 84 -19.25 7.99 10.85
C CYS B 84 -20.60 8.37 10.27
N ALA B 85 -20.79 8.04 8.99
CA ALA B 85 -22.02 8.41 8.29
C ALA B 85 -23.14 7.41 8.54
N ALA B 86 -22.83 6.12 8.51
CA ALA B 86 -23.86 5.09 8.55
C ALA B 86 -23.20 3.76 8.90
N THR B 87 -23.97 2.68 8.79
CA THR B 87 -23.50 1.32 9.00
C THR B 87 -23.54 0.56 7.69
N LEU B 88 -22.72 -0.49 7.60
CA LEU B 88 -22.69 -1.30 6.39
C LEU B 88 -24.06 -1.89 6.08
N GLN B 89 -24.85 -2.20 7.10
CA GLN B 89 -26.18 -2.76 6.89
C GLN B 89 -27.04 -1.79 6.08
N GLU B 90 -27.20 -0.57 6.58
CA GLU B 90 -28.03 0.41 5.87
C GLU B 90 -27.39 0.89 4.58
N TYR B 91 -26.11 0.62 4.36
CA TYR B 91 -25.49 0.90 3.06
C TYR B 91 -26.00 -0.06 1.99
N VAL B 92 -26.33 -1.31 2.37
CA VAL B 92 -26.78 -2.30 1.42
C VAL B 92 -28.07 -1.90 0.73
N GLU B 93 -28.79 -0.90 1.26
CA GLU B 93 -29.82 -0.20 0.51
C GLU B 93 -29.13 1.01 -0.12
N GLN B 94 -28.99 0.99 -1.44
CA GLN B 94 -28.17 1.95 -2.16
C GLN B 94 -28.55 3.40 -1.87
N GLU B 103 -17.46 1.30 -3.36
CA GLU B 103 -17.65 0.06 -4.11
C GLU B 103 -17.58 -1.17 -3.19
N PRO B 104 -18.53 -2.11 -3.33
CA PRO B 104 -18.69 -3.16 -2.30
C PRO B 104 -17.44 -3.99 -2.02
N ILE B 105 -16.67 -4.35 -3.05
CA ILE B 105 -15.52 -5.23 -2.82
C ILE B 105 -14.45 -4.49 -2.01
N THR B 106 -14.28 -3.20 -2.28
CA THR B 106 -13.30 -2.43 -1.52
C THR B 106 -13.71 -2.32 -0.05
N LEU B 107 -15.01 -2.21 0.23
CA LEU B 107 -15.48 -2.19 1.61
C LEU B 107 -15.13 -3.49 2.31
N LEU B 108 -15.32 -4.63 1.62
CA LEU B 108 -15.00 -5.92 2.22
C LEU B 108 -13.49 -6.06 2.42
N GLN B 109 -12.70 -5.62 1.44
CA GLN B 109 -11.25 -5.65 1.59
C GLN B 109 -10.81 -4.77 2.75
N GLN B 110 -11.43 -3.60 2.90
CA GLN B 110 -11.10 -2.71 4.01
C GLN B 110 -11.50 -3.32 5.35
N THR B 111 -12.70 -3.92 5.42
CA THR B 111 -13.11 -4.59 6.64
C THR B 111 -12.14 -5.71 7.00
N THR B 112 -11.67 -6.46 6.00
CA THR B 112 -10.77 -7.57 6.25
C THR B 112 -9.40 -7.08 6.70
N SER B 113 -8.90 -6.00 6.09
CA SER B 113 -7.61 -5.46 6.49
C SER B 113 -7.65 -4.97 7.94
N GLY B 114 -8.74 -4.32 8.33
CA GLY B 114 -8.89 -3.92 9.72
C GLY B 114 -9.02 -5.11 10.65
N LEU B 115 -9.72 -6.16 10.20
CA LEU B 115 -9.80 -7.38 11.00
C LEU B 115 -8.44 -8.07 11.10
N ALA B 116 -7.69 -8.10 10.00
CA ALA B 116 -6.34 -8.66 10.05
C ALA B 116 -5.45 -7.86 10.98
N HIS B 117 -5.66 -6.54 11.05
CA HIS B 117 -4.92 -5.73 12.01
C HIS B 117 -5.24 -6.14 13.44
N LEU B 118 -6.52 -6.38 13.73
CA LEU B 118 -6.90 -6.85 15.07
C LEU B 118 -6.25 -8.18 15.39
N HIS B 119 -6.34 -9.14 14.46
CA HIS B 119 -5.78 -10.47 14.72
C HIS B 119 -4.27 -10.42 14.91
N SER B 120 -3.57 -9.52 14.22
CA SER B 120 -2.14 -9.40 14.40
C SER B 120 -1.78 -8.89 15.80
N LEU B 121 -2.71 -8.22 16.47
CA LEU B 121 -2.53 -7.78 17.85
C LEU B 121 -3.06 -8.79 18.86
N ASN B 122 -3.44 -9.99 18.40
CA ASN B 122 -4.01 -11.04 19.23
C ASN B 122 -5.37 -10.65 19.79
N ILE B 123 -6.14 -9.88 19.02
CA ILE B 123 -7.47 -9.42 19.42
C ILE B 123 -8.49 -10.11 18.52
N VAL B 124 -9.45 -10.80 19.13
CA VAL B 124 -10.57 -11.40 18.42
C VAL B 124 -11.80 -10.52 18.65
N HIS B 125 -12.46 -10.14 17.55
CA HIS B 125 -13.60 -9.23 17.66
C HIS B 125 -14.80 -9.93 18.29
N ARG B 126 -15.08 -11.15 17.84
CA ARG B 126 -16.05 -12.08 18.45
C ARG B 126 -17.50 -11.68 18.17
N ASP B 127 -17.76 -10.46 17.74
CA ASP B 127 -19.09 -10.09 17.24
C ASP B 127 -18.90 -9.27 15.98
N LEU B 128 -19.28 -9.82 14.82
CA LEU B 128 -19.02 -9.16 13.55
C LEU B 128 -20.26 -9.30 12.69
N LYS B 129 -20.64 -8.22 12.02
CA LYS B 129 -21.93 -8.17 11.34
C LYS B 129 -22.07 -6.84 10.60
N PRO B 130 -22.97 -6.75 9.63
CA PRO B 130 -23.14 -5.47 8.90
C PRO B 130 -23.47 -4.31 9.82
N HIS B 131 -24.16 -4.56 10.93
CA HIS B 131 -24.55 -3.47 11.82
C HIS B 131 -23.35 -2.91 12.60
N ASN B 132 -22.30 -3.71 12.79
CA ASN B 132 -21.11 -3.27 13.51
C ASN B 132 -20.06 -2.62 12.61
N ILE B 133 -20.23 -2.71 11.29
CA ILE B 133 -19.27 -2.17 10.34
C ILE B 133 -19.79 -0.82 9.87
N LEU B 134 -19.01 0.22 10.09
CA LEU B 134 -19.44 1.59 9.85
C LEU B 134 -18.83 2.15 8.57
N ILE B 135 -19.62 2.94 7.86
CA ILE B 135 -19.16 3.63 6.65
C ILE B 135 -18.71 5.02 7.06
N SER B 136 -17.41 5.29 6.87
CA SER B 136 -16.84 6.54 7.33
C SER B 136 -17.40 7.72 6.54
N MET B 137 -17.27 8.90 7.11
CA MET B 137 -17.57 10.12 6.38
C MET B 137 -16.42 10.44 5.43
N PRO B 138 -16.69 11.13 4.33
CA PRO B 138 -15.61 11.44 3.37
C PRO B 138 -14.52 12.29 4.00
N ASN B 139 -13.27 11.90 3.74
CA ASN B 139 -12.12 12.64 4.23
C ASN B 139 -11.86 13.81 3.29
N ALA B 140 -10.71 14.48 3.47
CA ALA B 140 -10.42 15.68 2.70
C ALA B 140 -10.46 15.43 1.20
N HIS B 141 -10.13 14.21 0.76
CA HIS B 141 -10.14 13.86 -0.65
C HIS B 141 -11.47 13.29 -1.11
N GLY B 142 -12.47 13.21 -0.23
CA GLY B 142 -13.74 12.63 -0.59
C GLY B 142 -13.75 11.12 -0.60
N LYS B 143 -12.76 10.48 0.00
CA LYS B 143 -12.68 9.02 0.05
C LYS B 143 -13.47 8.48 1.24
N ILE B 144 -14.19 7.39 1.01
CA ILE B 144 -15.04 6.76 2.01
C ILE B 144 -14.56 5.32 2.20
N LYS B 145 -14.49 4.89 3.46
CA LYS B 145 -13.92 3.60 3.81
C LYS B 145 -14.78 2.91 4.87
N ALA B 146 -14.75 1.58 4.84
CA ALA B 146 -15.42 0.79 5.87
C ALA B 146 -14.52 0.72 7.09
N MET B 147 -15.13 0.70 8.28
CA MET B 147 -14.37 0.72 9.52
C MET B 147 -15.01 -0.18 10.56
N ILE B 148 -14.16 -0.79 11.38
CA ILE B 148 -14.56 -1.70 12.44
C ILE B 148 -14.75 -0.92 13.73
N SER B 149 -15.85 -1.19 14.43
CA SER B 149 -16.17 -0.53 15.69
C SER B 149 -16.77 -1.57 16.64
N ASP B 150 -17.23 -1.08 17.79
CA ASP B 150 -17.90 -1.92 18.80
C ASP B 150 -16.96 -3.03 19.29
N PHE B 151 -15.98 -2.60 20.07
CA PHE B 151 -14.99 -3.48 20.66
C PHE B 151 -15.46 -4.11 21.98
N GLY B 152 -16.72 -3.88 22.36
CA GLY B 152 -17.20 -4.32 23.66
C GLY B 152 -16.96 -5.80 23.93
N LEU B 153 -17.14 -6.63 22.91
CA LEU B 153 -17.00 -8.08 23.06
C LEU B 153 -15.60 -8.58 22.71
N CYS B 154 -14.66 -7.70 22.42
CA CYS B 154 -13.33 -8.11 22.01
C CYS B 154 -12.57 -8.76 23.18
N LYS B 155 -11.66 -9.67 22.82
CA LYS B 155 -10.80 -10.35 23.78
C LYS B 155 -9.37 -10.35 23.27
N LYS B 156 -8.42 -10.18 24.19
CA LYS B 156 -6.99 -10.20 23.88
C LYS B 156 -6.42 -11.53 24.38
N LEU B 157 -5.95 -12.35 23.45
CA LEU B 157 -5.35 -13.62 23.82
C LEU B 157 -3.97 -13.40 24.42
N ALA B 158 -3.63 -14.21 25.42
CA ALA B 158 -2.35 -14.09 26.11
C ALA B 158 -1.26 -14.81 25.33
N ARG B 161 -0.96 -18.41 23.11
CA ARG B 161 -2.27 -19.03 22.98
C ARG B 161 -2.97 -18.58 21.70
N HIS B 162 -3.31 -19.55 20.86
CA HIS B 162 -3.99 -19.30 19.59
C HIS B 162 -5.51 -19.43 19.74
N PHE B 164 -9.15 -19.36 22.72
CA PHE B 164 -9.75 -18.86 23.96
C PHE B 164 -10.92 -19.75 24.38
N ARG B 166 -14.67 -20.79 26.20
CA ARG B 166 -16.06 -20.33 26.10
C ARG B 166 -16.58 -19.85 27.46
N ARG B 167 -15.67 -19.78 28.44
CA ARG B 167 -16.02 -19.44 29.82
C ARG B 167 -16.86 -18.16 29.94
N GLY B 169 -19.21 -17.12 28.19
CA GLY B 169 -20.51 -17.28 27.59
C GLY B 169 -20.40 -17.28 26.07
N VAL B 170 -21.51 -17.03 25.38
CA VAL B 170 -21.51 -16.95 23.93
C VAL B 170 -21.62 -15.49 23.52
N PRO B 171 -20.53 -14.85 23.10
CA PRO B 171 -20.64 -13.51 22.52
C PRO B 171 -21.12 -13.56 21.09
N GLY B 172 -21.55 -12.40 20.60
CA GLY B 172 -21.97 -12.25 19.22
C GLY B 172 -23.48 -12.10 19.11
N THR B 173 -23.91 -11.90 17.87
CA THR B 173 -25.30 -11.64 17.54
C THR B 173 -25.88 -12.83 16.78
N GLU B 174 -27.13 -13.16 17.11
CA GLU B 174 -27.77 -14.35 16.57
C GLU B 174 -27.70 -14.38 15.04
N GLY B 175 -27.27 -15.52 14.51
CA GLY B 175 -27.12 -15.70 13.08
C GLY B 175 -25.75 -15.35 12.54
N TRP B 176 -24.98 -14.55 13.26
CA TRP B 176 -23.60 -14.24 12.89
C TRP B 176 -22.57 -15.01 13.68
N ILE B 177 -22.99 -15.91 14.58
CA ILE B 177 -22.07 -16.61 15.48
C ILE B 177 -21.58 -17.88 14.80
N ALA B 178 -20.28 -18.17 14.97
CA ALA B 178 -19.71 -19.36 14.38
C ALA B 178 -20.26 -20.61 15.08
N PRO B 179 -20.29 -21.76 14.38
CA PRO B 179 -20.87 -22.96 15.02
C PRO B 179 -20.11 -23.45 16.23
N GLU B 180 -18.77 -23.46 16.19
CA GLU B 180 -18.01 -23.95 17.32
C GLU B 180 -18.21 -23.09 18.56
N MET B 181 -18.69 -21.86 18.40
CA MET B 181 -18.98 -21.01 19.56
C MET B 181 -20.27 -21.45 20.24
N LEU B 182 -21.33 -21.68 19.45
CA LEU B 182 -22.62 -22.04 20.01
C LEU B 182 -22.64 -23.45 20.59
N SER B 183 -21.74 -24.33 20.15
CA SER B 183 -21.62 -25.68 20.69
C SER B 183 -20.26 -25.91 21.34
N CYS B 186 -16.86 -29.20 22.52
CA CYS B 186 -16.59 -29.18 21.09
C CYS B 186 -15.28 -29.89 20.76
N LYS B 187 -14.45 -30.11 21.79
CA LYS B 187 -13.12 -30.70 21.67
C LYS B 187 -12.18 -29.82 20.84
N GLU B 188 -12.50 -28.54 20.70
CA GLU B 188 -11.54 -27.54 20.27
C GLU B 188 -11.98 -26.18 20.80
N ASN B 189 -11.03 -25.37 21.23
CA ASN B 189 -11.41 -24.03 21.67
C ASN B 189 -11.59 -23.12 20.46
N PRO B 190 -12.53 -22.18 20.49
CA PRO B 190 -12.65 -21.21 19.40
C PRO B 190 -11.39 -20.37 19.30
N THR B 191 -11.19 -19.78 18.13
CA THR B 191 -9.99 -19.01 17.85
C THR B 191 -10.36 -17.87 16.89
N TYR B 192 -9.33 -17.22 16.33
CA TYR B 192 -9.56 -16.08 15.45
C TYR B 192 -10.54 -16.39 14.33
N THR B 193 -10.63 -17.66 13.91
CA THR B 193 -11.48 -18.03 12.79
C THR B 193 -12.97 -17.83 13.07
N VAL B 194 -13.36 -17.54 14.31
CA VAL B 194 -14.75 -17.15 14.57
C VAL B 194 -15.09 -15.90 13.78
N ASP B 195 -14.18 -14.93 13.75
CA ASP B 195 -14.42 -13.71 12.98
C ASP B 195 -14.41 -13.98 11.48
N ILE B 196 -13.65 -14.98 11.03
CA ILE B 196 -13.65 -15.33 9.61
C ILE B 196 -15.02 -15.85 9.19
N PHE B 197 -15.63 -16.71 10.03
CA PHE B 197 -16.97 -17.19 9.72
C PHE B 197 -17.96 -16.03 9.63
N SER B 198 -17.97 -15.17 10.65
CA SER B 198 -18.85 -14.01 10.62
C SER B 198 -18.56 -13.14 9.40
N ALA B 199 -17.27 -12.94 9.09
CA ALA B 199 -16.90 -12.13 7.93
C ALA B 199 -17.40 -12.76 6.64
N GLY B 200 -17.34 -14.09 6.56
CA GLY B 200 -17.87 -14.77 5.37
C GLY B 200 -19.34 -14.49 5.16
N CYS B 201 -20.13 -14.55 6.23
CA CYS B 201 -21.54 -14.19 6.14
C CYS B 201 -21.71 -12.73 5.73
N VAL B 202 -20.81 -11.85 6.19
CA VAL B 202 -20.88 -10.45 5.79
C VAL B 202 -20.50 -10.29 4.32
N PHE B 203 -19.50 -11.03 3.87
CA PHE B 203 -19.13 -11.00 2.45
C PHE B 203 -20.31 -11.33 1.57
N TYR B 204 -21.00 -12.45 1.86
CA TYR B 204 -22.17 -12.82 1.07
C TYR B 204 -23.29 -11.80 1.23
N TYR B 205 -23.44 -11.25 2.45
CA TYR B 205 -24.48 -10.25 2.69
C TYR B 205 -24.33 -9.05 1.77
N VAL B 206 -23.10 -8.63 1.52
CA VAL B 206 -22.86 -7.49 0.64
C VAL B 206 -23.02 -7.89 -0.82
N ILE B 207 -22.43 -9.02 -1.21
CA ILE B 207 -22.50 -9.45 -2.61
C ILE B 207 -23.94 -9.76 -3.01
N SER B 208 -24.68 -10.40 -2.10
CA SER B 208 -26.06 -10.79 -2.38
C SER B 208 -27.04 -9.63 -2.20
N GLU B 209 -26.56 -8.46 -1.79
CA GLU B 209 -27.41 -7.29 -1.57
C GLU B 209 -28.51 -7.60 -0.56
N GLY B 210 -28.09 -8.07 0.62
CA GLY B 210 -28.96 -8.19 1.78
C GLY B 210 -29.31 -9.61 2.16
N SER B 211 -29.10 -10.59 1.29
CA SER B 211 -29.39 -11.98 1.61
C SER B 211 -28.28 -12.58 2.47
N HIS B 212 -28.65 -13.60 3.26
CA HIS B 212 -27.73 -14.26 4.17
C HIS B 212 -27.51 -15.71 3.73
N PRO B 213 -26.31 -16.27 3.92
CA PRO B 213 -26.09 -17.66 3.53
C PRO B 213 -27.12 -18.63 4.09
N PHE B 214 -27.48 -18.44 5.36
CA PHE B 214 -28.42 -19.30 6.05
C PHE B 214 -29.84 -18.77 6.01
N GLY B 215 -30.09 -17.69 5.28
CA GLY B 215 -31.45 -17.29 5.01
C GLY B 215 -32.12 -16.46 6.08
N LYS B 216 -33.41 -16.71 6.29
CA LYS B 216 -34.23 -15.89 7.17
C LYS B 216 -33.66 -15.85 8.59
N SER B 217 -33.83 -14.71 9.25
CA SER B 217 -33.23 -14.49 10.56
C SER B 217 -33.74 -15.50 11.59
N LEU B 218 -35.01 -15.89 11.49
CA LEU B 218 -35.60 -16.77 12.49
C LEU B 218 -34.85 -18.09 12.59
N GLN B 219 -34.73 -18.81 11.47
CA GLN B 219 -34.05 -20.09 11.42
C GLN B 219 -32.56 -19.96 11.11
N ARG B 220 -32.04 -18.73 11.03
CA ARG B 220 -30.66 -18.52 10.63
C ARG B 220 -29.70 -19.27 11.55
N GLN B 221 -29.78 -19.00 12.85
CA GLN B 221 -28.82 -19.59 13.78
C GLN B 221 -28.98 -21.10 13.88
N ALA B 222 -30.19 -21.62 13.67
CA ALA B 222 -30.38 -23.06 13.66
C ALA B 222 -29.68 -23.69 12.45
N ASN B 223 -29.88 -23.11 11.26
CA ASN B 223 -29.23 -23.63 10.07
C ASN B 223 -27.72 -23.55 10.16
N ILE B 224 -27.18 -22.59 10.92
CA ILE B 224 -25.74 -22.55 11.16
C ILE B 224 -25.32 -23.79 11.95
N LEU B 225 -26.02 -24.08 13.04
CA LEU B 225 -25.70 -25.26 13.84
C LEU B 225 -25.85 -26.54 13.03
N LEU B 226 -26.83 -26.58 12.11
CA LEU B 226 -26.95 -27.72 11.22
C LEU B 226 -25.84 -27.75 10.19
N GLY B 227 -25.30 -26.58 9.85
CA GLY B 227 -24.39 -26.48 8.73
C GLY B 227 -25.08 -26.35 7.39
N ALA B 228 -26.36 -25.97 7.38
CA ALA B 228 -27.15 -25.87 6.16
C ALA B 228 -27.08 -24.45 5.64
N CYS B 229 -26.38 -24.26 4.51
CA CYS B 229 -26.21 -22.94 3.91
C CYS B 229 -26.47 -23.04 2.42
N SER B 230 -26.93 -21.94 1.84
CA SER B 230 -27.25 -21.87 0.42
C SER B 230 -26.81 -20.53 -0.13
N LEU B 231 -26.11 -20.56 -1.27
CA LEU B 231 -25.80 -19.36 -2.02
C LEU B 231 -26.56 -19.48 -3.34
N ASP B 232 -27.66 -18.73 -3.45
CA ASP B 232 -28.48 -18.72 -4.65
C ASP B 232 -28.15 -17.58 -5.60
N CYS B 233 -27.35 -16.61 -5.17
CA CYS B 233 -27.01 -15.45 -5.97
C CYS B 233 -25.71 -15.62 -6.74
N LEU B 234 -24.96 -16.67 -6.46
CA LEU B 234 -23.69 -16.93 -7.13
C LEU B 234 -23.93 -17.97 -8.23
N HIS B 235 -23.77 -17.55 -9.47
CA HIS B 235 -23.99 -18.44 -10.60
C HIS B 235 -22.85 -19.45 -10.69
N PRO B 236 -23.14 -20.73 -10.94
CA PRO B 236 -22.04 -21.71 -11.06
C PRO B 236 -21.15 -21.43 -12.26
N GLU B 237 -21.70 -20.92 -13.36
CA GLU B 237 -20.97 -20.73 -14.61
C GLU B 237 -20.45 -19.31 -14.81
N LYS B 238 -20.61 -18.42 -13.83
CA LYS B 238 -20.13 -17.05 -13.95
C LYS B 238 -18.82 -16.89 -13.19
N HIS B 239 -17.82 -16.32 -13.86
CA HIS B 239 -16.47 -16.28 -13.30
C HIS B 239 -16.42 -15.52 -11.98
N GLU B 240 -17.05 -14.34 -11.94
CA GLU B 240 -17.02 -13.54 -10.73
C GLU B 240 -17.68 -14.28 -9.57
N ASP B 241 -18.76 -15.01 -9.85
CA ASP B 241 -19.47 -15.73 -8.81
C ASP B 241 -18.75 -17.01 -8.41
N VAL B 242 -17.97 -17.61 -9.32
CA VAL B 242 -17.20 -18.80 -8.96
C VAL B 242 -16.10 -18.44 -7.97
N ILE B 243 -15.38 -17.35 -8.24
CA ILE B 243 -14.32 -16.92 -7.33
C ILE B 243 -14.90 -16.53 -5.98
N ALA B 244 -15.99 -15.76 -5.99
CA ALA B 244 -16.61 -15.34 -4.73
C ALA B 244 -17.12 -16.54 -3.94
N ARG B 245 -17.65 -17.55 -4.65
CA ARG B 245 -18.14 -18.75 -3.97
C ARG B 245 -16.99 -19.56 -3.38
N GLU B 246 -15.89 -19.69 -4.12
CA GLU B 246 -14.76 -20.47 -3.62
C GLU B 246 -14.22 -19.89 -2.32
N LEU B 247 -14.17 -18.56 -2.22
CA LEU B 247 -13.69 -17.93 -0.99
C LEU B 247 -14.71 -18.05 0.14
N ILE B 248 -15.96 -17.65 -0.14
CA ILE B 248 -16.97 -17.58 0.92
C ILE B 248 -17.21 -18.96 1.52
N GLU B 249 -17.39 -19.98 0.67
CA GLU B 249 -17.71 -21.31 1.16
C GLU B 249 -16.65 -21.81 2.15
N LYS B 250 -15.39 -21.45 1.92
CA LYS B 250 -14.32 -21.84 2.84
C LYS B 250 -14.32 -20.99 4.11
N MET B 251 -14.75 -19.73 4.01
CA MET B 251 -14.76 -18.86 5.19
C MET B 251 -15.85 -19.28 6.16
N ILE B 252 -17.01 -19.70 5.65
CA ILE B 252 -18.12 -20.13 6.50
C ILE B 252 -18.12 -21.63 6.74
N ALA B 253 -17.06 -22.33 6.32
CA ALA B 253 -16.99 -23.79 6.47
C ALA B 253 -17.23 -24.20 7.92
N MET B 254 -17.92 -25.34 8.08
CA MET B 254 -18.26 -25.84 9.41
C MET B 254 -17.00 -26.11 10.23
N ASP B 255 -16.03 -26.79 9.64
CA ASP B 255 -14.78 -27.09 10.34
C ASP B 255 -13.93 -25.83 10.42
N PRO B 256 -13.64 -25.30 11.61
CA PRO B 256 -12.88 -24.04 11.68
C PRO B 256 -11.47 -24.14 11.16
N GLN B 257 -10.79 -25.27 11.35
CA GLN B 257 -9.42 -25.41 10.89
C GLN B 257 -9.29 -25.39 9.37
N LYS B 258 -10.41 -25.46 8.64
CA LYS B 258 -10.40 -25.34 7.18
C LYS B 258 -10.68 -23.92 6.71
N ARG B 259 -10.83 -22.94 7.64
CA ARG B 259 -11.10 -21.56 7.25
C ARG B 259 -9.79 -20.80 7.06
N PRO B 260 -9.73 -19.87 6.11
CA PRO B 260 -8.51 -19.07 5.94
C PRO B 260 -8.41 -17.97 6.99
N SER B 261 -7.17 -17.59 7.29
CA SER B 261 -6.95 -16.41 8.12
C SER B 261 -7.25 -15.14 7.33
N ALA B 262 -7.44 -14.04 8.06
CA ALA B 262 -7.74 -12.78 7.40
C ALA B 262 -6.69 -12.43 6.34
N LYS B 263 -5.43 -12.73 6.62
CA LYS B 263 -4.37 -12.47 5.64
C LYS B 263 -4.56 -13.35 4.41
N HIS B 264 -4.92 -14.62 4.60
CA HIS B 264 -5.24 -15.47 3.46
C HIS B 264 -6.38 -14.86 2.63
N VAL B 265 -7.41 -14.33 3.29
CA VAL B 265 -8.55 -13.77 2.58
C VAL B 265 -8.10 -12.56 1.75
N LEU B 266 -7.15 -11.79 2.27
CA LEU B 266 -6.68 -10.60 1.55
C LEU B 266 -5.96 -10.98 0.26
N LYS B 267 -5.28 -12.11 0.23
CA LYS B 267 -4.57 -12.56 -0.96
C LYS B 267 -5.50 -13.22 -1.99
N HIS B 268 -6.76 -13.45 -1.66
CA HIS B 268 -7.60 -14.26 -2.52
C HIS B 268 -7.90 -13.55 -3.83
N PRO B 269 -8.07 -14.29 -4.94
CA PRO B 269 -8.39 -13.64 -6.22
C PRO B 269 -9.68 -12.84 -6.21
N PHE B 270 -10.51 -12.99 -5.19
CA PHE B 270 -11.73 -12.19 -5.09
C PHE B 270 -11.42 -10.70 -5.11
N PHE B 271 -10.23 -10.30 -4.63
CA PHE B 271 -9.83 -8.91 -4.60
C PHE B 271 -8.89 -8.51 -5.74
N TRP B 272 -8.53 -9.43 -6.64
CA TRP B 272 -7.57 -9.12 -7.68
C TRP B 272 -8.19 -8.26 -8.78
N SER B 273 -7.43 -7.29 -9.25
CA SER B 273 -7.79 -6.57 -10.46
C SER B 273 -7.56 -7.47 -11.68
N LEU B 274 -7.90 -6.96 -12.85
CA LEU B 274 -7.77 -7.76 -14.07
C LEU B 274 -6.30 -7.91 -14.48
N GLU B 275 -5.47 -6.90 -14.20
CA GLU B 275 -4.04 -7.07 -14.43
C GLU B 275 -3.47 -8.20 -13.58
N LYS B 276 -3.87 -8.27 -12.31
CA LYS B 276 -3.31 -9.26 -11.40
C LYS B 276 -3.74 -10.67 -11.80
N GLN B 277 -4.98 -10.82 -12.26
CA GLN B 277 -5.43 -12.12 -12.75
C GLN B 277 -4.62 -12.55 -13.96
N LEU B 278 -4.46 -11.65 -14.93
CA LEU B 278 -3.69 -11.99 -16.13
C LEU B 278 -2.23 -12.24 -15.79
N GLN B 279 -1.66 -11.44 -14.89
CA GLN B 279 -0.28 -11.65 -14.47
C GLN B 279 -0.13 -12.99 -13.75
N PHE B 280 -1.12 -13.36 -12.94
CA PHE B 280 -1.13 -14.69 -12.33
C PHE B 280 -1.12 -15.78 -13.39
N PHE B 281 -1.97 -15.65 -14.41
CA PHE B 281 -1.99 -16.61 -15.50
C PHE B 281 -0.66 -16.66 -16.23
N GLN B 282 -0.01 -15.50 -16.39
CA GLN B 282 1.31 -15.47 -17.03
C GLN B 282 2.33 -16.23 -16.20
N ASP B 283 2.44 -15.89 -14.92
CA ASP B 283 3.45 -16.52 -14.07
C ASP B 283 3.18 -18.01 -13.87
N VAL B 284 1.91 -18.41 -13.83
CA VAL B 284 1.59 -19.83 -13.79
C VAL B 284 2.10 -20.51 -15.06
N SER B 285 1.71 -19.98 -16.22
CA SER B 285 2.14 -20.56 -17.49
C SER B 285 3.66 -20.58 -17.61
N ASP B 286 4.32 -19.48 -17.23
CA ASP B 286 5.78 -19.45 -17.25
C ASP B 286 6.37 -20.44 -16.26
N ARG B 287 5.65 -20.74 -15.18
CA ARG B 287 6.17 -21.65 -14.16
C ARG B 287 6.05 -23.10 -14.59
N ILE B 288 4.91 -23.49 -15.16
CA ILE B 288 4.67 -24.90 -15.46
C ILE B 288 5.40 -25.33 -16.74
N GLU B 289 5.53 -24.42 -17.71
CA GLU B 289 6.29 -24.73 -18.92
C GLU B 289 7.74 -24.32 -18.75
N LYS B 290 8.73 -25.16 -19.07
CA LYS B 290 8.55 -26.54 -19.51
C LYS B 290 8.88 -27.50 -18.38
N GLU B 291 7.87 -28.16 -17.83
CA GLU B 291 8.05 -29.11 -16.74
C GLU B 291 7.35 -30.41 -17.10
N SER B 292 7.75 -31.48 -16.42
CA SER B 292 7.23 -32.80 -16.74
C SER B 292 5.71 -32.85 -16.59
N LEU B 293 5.03 -33.31 -17.64
CA LEU B 293 3.58 -33.35 -17.64
C LEU B 293 3.00 -34.44 -16.74
N ASP B 294 3.83 -35.39 -16.31
CA ASP B 294 3.43 -36.37 -15.30
C ASP B 294 3.86 -35.96 -13.90
N GLY B 295 4.55 -34.82 -13.76
CA GLY B 295 5.02 -34.38 -12.46
C GLY B 295 3.91 -33.92 -11.55
N PRO B 296 4.23 -33.66 -10.28
CA PRO B 296 3.18 -33.26 -9.33
C PRO B 296 2.46 -31.98 -9.72
N ILE B 297 3.20 -30.96 -10.15
CA ILE B 297 2.58 -29.66 -10.43
C ILE B 297 1.61 -29.77 -11.61
N VAL B 298 2.11 -30.26 -12.76
CA VAL B 298 1.29 -30.26 -13.96
C VAL B 298 0.17 -31.29 -13.85
N LYS B 299 0.38 -32.36 -13.08
CA LYS B 299 -0.68 -33.33 -12.86
C LYS B 299 -1.79 -32.76 -11.99
N GLN B 300 -1.42 -31.98 -10.97
CA GLN B 300 -2.42 -31.34 -10.13
C GLN B 300 -3.23 -30.31 -10.92
N LEU B 301 -2.59 -29.61 -11.85
CA LEU B 301 -3.30 -28.61 -12.64
C LEU B 301 -4.27 -29.24 -13.63
N GLU B 302 -3.93 -30.41 -14.17
CA GLU B 302 -4.77 -31.09 -15.14
C GLU B 302 -5.79 -32.03 -14.51
N ARG B 303 -5.70 -32.29 -13.21
CA ARG B 303 -6.49 -33.32 -12.54
C ARG B 303 -7.98 -33.20 -12.88
N GLY B 304 -8.61 -32.11 -12.46
CA GLY B 304 -10.01 -31.87 -12.79
C GLY B 304 -10.18 -30.96 -13.98
N GLY B 305 -9.15 -30.90 -14.82
CA GLY B 305 -9.08 -29.88 -15.87
C GLY B 305 -10.06 -30.07 -17.01
N ARG B 306 -10.57 -31.29 -17.21
CA ARG B 306 -11.46 -31.55 -18.34
C ARG B 306 -12.71 -30.68 -18.26
N ALA B 307 -13.35 -30.63 -17.09
CA ALA B 307 -14.57 -29.84 -16.93
C ALA B 307 -14.28 -28.34 -16.99
N VAL B 308 -13.14 -27.91 -16.45
CA VAL B 308 -12.76 -26.51 -16.53
C VAL B 308 -12.64 -26.08 -17.99
N VAL B 309 -12.07 -26.94 -18.83
CA VAL B 309 -11.82 -26.61 -20.23
C VAL B 309 -13.03 -26.82 -21.12
N LYS B 310 -14.10 -27.42 -20.60
CA LYS B 310 -15.28 -27.82 -21.38
C LYS B 310 -14.94 -28.89 -22.41
N MET B 311 -13.92 -29.71 -22.08
CA MET B 311 -13.51 -30.92 -22.79
C MET B 311 -12.80 -30.62 -24.10
N ASP B 312 -13.07 -29.48 -24.71
CA ASP B 312 -12.21 -28.91 -25.74
C ASP B 312 -12.32 -27.40 -25.63
N TRP B 313 -11.20 -26.71 -25.44
CA TRP B 313 -11.26 -25.26 -25.36
C TRP B 313 -11.03 -24.57 -26.70
N ARG B 314 -10.63 -25.30 -27.73
CA ARG B 314 -10.50 -24.70 -29.06
C ARG B 314 -11.85 -24.47 -29.71
N GLU B 315 -12.85 -25.29 -29.39
CA GLU B 315 -14.19 -25.13 -29.95
C GLU B 315 -15.02 -24.09 -29.20
N ASN B 316 -14.59 -23.68 -28.00
CA ASN B 316 -15.32 -22.72 -27.18
C ASN B 316 -14.81 -21.29 -27.33
N ILE B 317 -13.80 -21.06 -28.16
CA ILE B 317 -13.26 -19.71 -28.37
C ILE B 317 -13.79 -19.17 -29.69
N THR B 318 -13.37 -17.96 -30.04
CA THR B 318 -13.84 -17.30 -31.25
C THR B 318 -13.13 -17.86 -32.48
N VAL B 319 -13.80 -17.76 -33.62
CA VAL B 319 -13.23 -18.28 -34.87
C VAL B 319 -11.94 -17.56 -35.23
N PRO B 320 -11.83 -16.24 -35.13
CA PRO B 320 -10.56 -15.58 -35.47
C PRO B 320 -9.38 -16.10 -34.66
N LEU B 321 -9.61 -16.46 -33.39
CA LEU B 321 -8.54 -17.02 -32.57
C LEU B 321 -8.30 -18.49 -32.90
N GLN B 322 -9.34 -19.23 -33.27
CA GLN B 322 -9.16 -20.61 -33.71
C GLN B 322 -8.22 -20.68 -34.90
N THR B 323 -8.49 -19.91 -35.95
CA THR B 323 -7.66 -19.93 -37.14
C THR B 323 -6.25 -19.44 -36.84
N ASP B 324 -6.12 -18.50 -35.90
CA ASP B 324 -4.80 -18.01 -35.51
C ASP B 324 -4.07 -18.97 -34.58
N LEU B 325 -4.79 -19.93 -33.97
CA LEU B 325 -4.16 -20.97 -33.16
C LEU B 325 -3.82 -22.22 -33.97
N ARG B 326 -4.19 -22.25 -35.26
CA ARG B 326 -3.62 -23.24 -36.16
C ARG B 326 -2.12 -23.04 -36.35
N LYS B 327 -1.57 -21.94 -35.84
CA LYS B 327 -0.13 -21.70 -35.92
C LYS B 327 0.68 -22.88 -35.39
N PHE B 328 0.16 -23.58 -34.39
CA PHE B 328 0.85 -24.73 -33.82
C PHE B 328 -0.13 -25.85 -33.55
N ARG B 329 0.16 -27.03 -34.08
CA ARG B 329 -0.57 -28.24 -33.72
C ARG B 329 -0.32 -28.68 -32.29
N THR B 330 0.60 -28.02 -31.58
CA THR B 330 1.01 -28.43 -30.24
C THR B 330 0.04 -27.97 -29.15
N TYR B 331 -1.03 -27.27 -29.50
CA TYR B 331 -2.02 -26.83 -28.53
C TYR B 331 -3.11 -27.89 -28.42
N LYS B 332 -3.18 -28.55 -27.27
CA LYS B 332 -4.13 -29.63 -27.04
C LYS B 332 -5.35 -29.08 -26.32
N GLY B 333 -6.53 -29.25 -26.93
CA GLY B 333 -7.75 -28.64 -26.45
C GLY B 333 -8.26 -29.20 -25.15
N GLY B 334 -7.72 -30.33 -24.68
CA GLY B 334 -8.09 -30.91 -23.42
C GLY B 334 -7.11 -30.67 -22.29
N SER B 335 -6.15 -29.76 -22.47
CA SER B 335 -5.13 -29.47 -21.48
C SER B 335 -5.31 -28.06 -20.96
N VAL B 336 -5.43 -27.92 -19.63
CA VAL B 336 -5.46 -26.60 -19.01
C VAL B 336 -4.13 -25.90 -19.23
N ARG B 337 -3.02 -26.63 -19.09
CA ARG B 337 -1.70 -26.05 -19.30
C ARG B 337 -1.60 -25.43 -20.70
N ASP B 338 -2.04 -26.17 -21.72
CA ASP B 338 -1.97 -25.65 -23.08
C ASP B 338 -2.89 -24.45 -23.27
N LEU B 339 -4.01 -24.39 -22.54
CA LEU B 339 -4.85 -23.20 -22.60
C LEU B 339 -4.12 -21.99 -22.02
N LEU B 340 -3.41 -22.18 -20.91
CA LEU B 340 -2.64 -21.08 -20.32
C LEU B 340 -1.47 -20.69 -21.22
N ARG B 341 -0.87 -21.68 -21.90
CA ARG B 341 0.21 -21.36 -22.82
C ARG B 341 -0.29 -20.53 -23.99
N ALA B 342 -1.47 -20.85 -24.51
CA ALA B 342 -2.06 -20.04 -25.58
C ALA B 342 -2.28 -18.61 -25.13
N MET B 343 -2.80 -18.44 -23.90
CA MET B 343 -3.00 -17.09 -23.36
C MET B 343 -1.65 -16.38 -23.19
N ARG B 344 -0.67 -17.07 -22.62
CA ARG B 344 0.65 -16.49 -22.45
C ARG B 344 1.23 -16.04 -23.80
N ASN B 345 1.05 -16.86 -24.83
CA ASN B 345 1.67 -16.56 -26.12
C ASN B 345 0.95 -15.40 -26.80
N LYS B 346 -0.39 -15.41 -26.81
CA LYS B 346 -1.13 -14.32 -27.45
C LYS B 346 -1.00 -13.01 -26.69
N LYS B 347 -0.62 -13.05 -25.42
CA LYS B 347 -0.37 -11.82 -24.67
C LYS B 347 0.97 -11.22 -25.06
N HIS B 348 2.02 -12.04 -25.11
CA HIS B 348 3.36 -11.53 -25.33
C HIS B 348 3.50 -10.95 -26.73
N HIS B 349 2.98 -11.65 -27.74
CA HIS B 349 3.04 -11.21 -29.13
C HIS B 349 1.82 -10.39 -29.52
N TYR B 350 0.96 -10.03 -28.56
CA TYR B 350 -0.30 -9.36 -28.87
C TYR B 350 -0.14 -8.22 -29.87
N ARG B 351 0.97 -7.47 -29.77
CA ARG B 351 1.17 -6.34 -30.67
C ARG B 351 1.28 -6.80 -32.11
N GLU B 352 1.91 -7.96 -32.34
CA GLU B 352 2.15 -8.43 -33.70
C GLU B 352 0.92 -9.06 -34.33
N LEU B 353 -0.02 -9.56 -33.52
CA LEU B 353 -1.10 -10.38 -34.04
C LEU B 353 -1.96 -9.59 -35.04
N PRO B 354 -2.65 -10.30 -35.94
CA PRO B 354 -3.59 -9.60 -36.85
C PRO B 354 -4.60 -8.79 -36.06
N ALA B 355 -4.87 -7.57 -36.54
CA ALA B 355 -5.78 -6.68 -35.85
C ALA B 355 -7.13 -7.34 -35.58
N GLU B 356 -7.52 -8.31 -36.42
CA GLU B 356 -8.72 -9.09 -36.14
C GLU B 356 -8.55 -9.88 -34.84
N VAL B 357 -7.40 -10.52 -34.66
CA VAL B 357 -7.16 -11.31 -33.45
C VAL B 357 -6.97 -10.40 -32.24
N ARG B 358 -6.51 -9.17 -32.45
CA ARG B 358 -6.43 -8.23 -31.34
C ARG B 358 -7.79 -7.71 -30.93
N GLU B 359 -8.77 -7.73 -31.85
CA GLU B 359 -10.12 -7.29 -31.51
C GLU B 359 -10.90 -8.39 -30.79
N THR B 360 -10.74 -9.64 -31.21
CA THR B 360 -11.42 -10.73 -30.50
C THR B 360 -10.88 -10.86 -29.08
N LEU B 361 -9.59 -10.64 -28.89
CA LEU B 361 -8.95 -10.82 -27.58
C LEU B 361 -8.98 -9.52 -26.76
N GLY B 362 -8.19 -8.54 -27.18
CA GLY B 362 -7.94 -7.36 -26.37
C GLY B 362 -9.10 -6.38 -26.33
N SER B 363 -8.85 -5.15 -25.86
CA SER B 363 -7.50 -4.66 -25.55
C SER B 363 -6.90 -5.27 -24.28
N LEU B 364 -5.58 -5.21 -24.19
CA LEU B 364 -4.87 -5.61 -22.98
C LEU B 364 -4.99 -4.53 -21.89
N PRO B 365 -4.73 -4.91 -20.63
CA PRO B 365 -4.81 -6.25 -20.06
C PRO B 365 -6.25 -6.69 -19.78
N ASP B 366 -7.14 -5.71 -19.62
CA ASP B 366 -8.44 -5.97 -19.00
C ASP B 366 -9.33 -6.81 -19.89
N ASP B 367 -9.56 -6.37 -21.13
CA ASP B 367 -10.46 -7.11 -22.01
C ASP B 367 -9.85 -8.42 -22.46
N PHE B 368 -8.51 -8.51 -22.46
CA PHE B 368 -7.83 -9.74 -22.85
C PHE B 368 -8.12 -10.86 -21.86
N VAL B 369 -7.94 -10.60 -20.57
CA VAL B 369 -8.18 -11.63 -19.56
C VAL B 369 -9.67 -11.92 -19.44
N CYS B 370 -10.51 -10.92 -19.66
CA CYS B 370 -11.96 -11.15 -19.62
C CYS B 370 -12.41 -12.07 -20.74
N TYR B 371 -11.74 -12.02 -21.90
CA TYR B 371 -12.08 -12.90 -23.01
C TYR B 371 -12.05 -14.36 -22.60
N PHE B 372 -11.10 -14.73 -21.75
CA PHE B 372 -10.93 -16.10 -21.30
C PHE B 372 -11.79 -16.41 -20.08
N THR B 373 -11.58 -15.67 -18.98
CA THR B 373 -12.33 -15.91 -17.75
C THR B 373 -13.83 -15.99 -18.00
N SER B 374 -14.34 -15.17 -18.93
CA SER B 374 -15.76 -15.20 -19.25
C SER B 374 -16.13 -16.48 -19.99
N ARG B 375 -15.26 -16.96 -20.87
CA ARG B 375 -15.53 -18.19 -21.60
C ARG B 375 -15.22 -19.43 -20.76
N PHE B 376 -14.29 -19.31 -19.81
CA PHE B 376 -13.88 -20.42 -18.96
C PHE B 376 -13.99 -19.96 -17.51
N PRO B 377 -15.20 -19.99 -16.95
CA PRO B 377 -15.41 -19.36 -15.63
C PRO B 377 -14.72 -20.09 -14.48
N HIS B 378 -14.38 -21.36 -14.64
CA HIS B 378 -13.70 -22.12 -13.60
C HIS B 378 -12.19 -22.12 -13.76
N LEU B 379 -11.66 -21.38 -14.74
CA LEU B 379 -10.23 -21.44 -15.03
C LEU B 379 -9.41 -20.83 -13.90
N LEU B 380 -9.76 -19.61 -13.48
CA LEU B 380 -8.97 -18.92 -12.46
C LEU B 380 -9.03 -19.65 -11.13
N ALA B 381 -10.24 -20.01 -10.68
CA ALA B 381 -10.38 -20.69 -9.39
C ALA B 381 -9.67 -22.03 -9.39
N HIS B 382 -9.78 -22.79 -10.48
CA HIS B 382 -9.10 -24.08 -10.56
C HIS B 382 -7.60 -23.90 -10.53
N THR B 383 -7.08 -22.99 -11.35
CA THR B 383 -5.63 -22.78 -11.41
C THR B 383 -5.10 -22.27 -10.07
N TYR B 384 -5.87 -21.43 -9.39
CA TYR B 384 -5.43 -20.91 -8.09
C TYR B 384 -5.26 -22.03 -7.09
N ARG B 385 -6.26 -22.91 -6.97
CA ARG B 385 -6.17 -24.02 -6.02
C ARG B 385 -5.08 -25.00 -6.41
N ALA B 386 -4.90 -25.24 -7.71
CA ALA B 386 -3.91 -26.22 -8.16
C ALA B 386 -2.50 -25.74 -7.88
N MET B 387 -2.24 -24.44 -8.05
CA MET B 387 -0.88 -23.91 -7.99
C MET B 387 -0.42 -23.61 -6.57
N GLU B 388 -1.23 -23.91 -5.54
CA GLU B 388 -0.77 -23.70 -4.17
C GLU B 388 0.43 -24.58 -3.82
N LEU B 389 0.75 -25.57 -4.65
CA LEU B 389 2.00 -26.32 -4.46
C LEU B 389 3.21 -25.40 -4.58
N CYS B 390 3.09 -24.33 -5.36
CA CYS B 390 4.15 -23.35 -5.53
C CYS B 390 4.01 -22.14 -4.62
N SER B 391 3.01 -22.14 -3.73
CA SER B 391 2.73 -20.95 -2.92
C SER B 391 3.94 -20.50 -2.12
N HIS B 392 4.81 -21.43 -1.73
CA HIS B 392 6.03 -21.07 -1.01
C HIS B 392 7.00 -20.28 -1.87
N GLU B 393 6.89 -20.39 -3.19
CA GLU B 393 7.85 -19.77 -4.09
C GLU B 393 7.68 -18.25 -4.11
N ARG B 394 8.81 -17.55 -4.28
CA ARG B 394 8.81 -16.10 -4.30
C ARG B 394 7.96 -15.55 -5.43
N LEU B 395 7.90 -16.26 -6.56
CA LEU B 395 7.15 -15.76 -7.72
C LEU B 395 5.66 -15.67 -7.41
N PHE B 396 5.13 -16.62 -6.64
CA PHE B 396 3.71 -16.68 -6.32
C PHE B 396 3.38 -16.05 -4.97
N GLN B 397 4.36 -15.43 -4.31
CA GLN B 397 4.08 -14.73 -3.06
C GLN B 397 3.00 -13.67 -3.18
N PRO B 398 2.89 -12.90 -4.27
CA PRO B 398 1.81 -11.90 -4.34
C PRO B 398 0.43 -12.52 -4.37
N TYR B 399 0.29 -13.75 -4.85
CA TYR B 399 -1.01 -14.41 -5.01
C TYR B 399 -1.41 -15.28 -3.82
N TYR B 400 -0.49 -15.55 -2.89
CA TYR B 400 -0.74 -16.45 -1.77
C TYR B 400 -0.15 -15.86 -0.50
N PHE B 401 -0.67 -16.31 0.64
CA PHE B 401 -0.09 -16.03 1.94
C PHE B 401 0.46 -17.32 2.52
N HIS B 402 1.72 -17.30 2.93
CA HIS B 402 2.38 -18.48 3.48
C HIS B 402 2.68 -18.31 4.96
#